data_4UTW
#
_entry.id   4UTW
#
_cell.length_a   36.756
_cell.length_b   75.584
_cell.length_c   82.173
_cell.angle_alpha   89.90
_cell.angle_beta   89.91
_cell.angle_gamma   92.92
#
_symmetry.space_group_name_H-M   'P 1'
#
loop_
_entity.id
_entity.type
_entity.pdbx_description
1 polymer 'PUTATIVE N-ACETYLMANNOSAMINE-6-PHOSPHATE 2-EPIMERASE'
2 polymer 'PUTATIVE N-ACETYLMANNOSAMINE-6-PHOSPHATE 2-EPIMERASE'
3 non-polymer 'CHLORIDE ION'
4 non-polymer N-acetyl-D-glucosamine-6-phosphate
5 water water
#
loop_
_entity_poly.entity_id
_entity_poly.type
_entity_poly.pdbx_seq_one_letter_code
_entity_poly.pdbx_strand_id
1 'polypeptide(L)'
;GSHHHHHHHMLDVVKGNLIVSCQALSDEPLHSSFIMGRMAIAAKQGGAAAIRAQGVNDINEIKEVTKLPIIGIIKRNYDD
SEIYITPTMKEVDELLKTDCEMIALDATKRKRPNGENVKDLVDAIHAKGRLAMADISTLEEGIEAEKLGFDCVSTTLSGY
TPYSKQSNSVDFELLEELVKTVKIPVICEGRINTPEELKKALDLGAYSAVVGGAITRPQQITKRFTDIL
;
A,B
2 'polypeptide(L)'
;GSSHHHHHHMLDVVKGNLIVSCQALSDEPLHSSFIMGRMAIAAKQGGAAAIRAQGVNDINEIKEVTKLPIIGIIKRNYDD
SEIYITPTMKEVDELLKTDCEMIALDATKRKRPNGENVKDLVDAIHAKGRLAMADISTLEEGIEAEKLGFDCVSTTLSGY
TPYSKQSNSVDFELLEELVKTVKIPVICEGRINTPEELKKALDLGAYSAVVGGAITRPQQITKRFTDIL
;
C,D
#
# COMPACT_ATOMS: atom_id res chain seq x y z
N GLY A 1 -3.66 -29.43 -5.13
CA GLY A 1 -2.50 -28.96 -4.32
C GLY A 1 -2.84 -28.90 -2.84
N SER A 2 -1.82 -29.06 -1.98
CA SER A 2 -1.99 -28.99 -0.51
C SER A 2 -0.87 -28.20 0.16
N HIS A 3 -1.11 -27.69 1.37
CA HIS A 3 0.00 -27.20 2.19
C HIS A 3 -0.26 -27.28 3.69
N HIS A 4 0.75 -26.92 4.47
CA HIS A 4 0.61 -27.05 5.91
C HIS A 4 -0.30 -25.95 6.47
N HIS A 5 -1.03 -26.33 7.50
CA HIS A 5 -1.99 -25.47 8.13
C HIS A 5 -1.30 -24.59 9.16
N HIS A 6 -1.58 -23.30 9.09
CA HIS A 6 -1.12 -22.34 10.08
C HIS A 6 -2.19 -22.18 11.18
N HIS A 7 -1.74 -21.85 12.39
CA HIS A 7 -2.64 -21.55 13.50
C HIS A 7 -3.29 -20.16 13.35
N HIS A 8 -2.52 -19.17 12.94
CA HIS A 8 -3.00 -17.80 12.84
C HIS A 8 -3.41 -17.50 11.41
N HIS A 9 -4.48 -16.75 11.23
CA HIS A 9 -4.93 -16.41 9.87
C HIS A 9 -5.21 -14.96 9.84
N MET A 10 -4.88 -14.29 8.72
CA MET A 10 -4.94 -12.84 8.59
C MET A 10 -6.22 -12.16 9.10
N LEU A 11 -7.38 -12.60 8.61
CA LEU A 11 -8.64 -11.99 8.99
C LEU A 11 -8.94 -12.17 10.49
N ASP A 12 -8.64 -13.35 11.04
CA ASP A 12 -8.76 -13.55 12.51
C ASP A 12 -7.80 -12.61 13.29
N VAL A 13 -6.61 -12.38 12.75
CA VAL A 13 -5.61 -11.64 13.50
C VAL A 13 -5.85 -10.10 13.48
N VAL A 14 -6.41 -9.60 12.39
CA VAL A 14 -6.67 -8.14 12.27
C VAL A 14 -7.99 -7.72 12.98
N LYS A 15 -8.84 -8.72 13.28
CA LYS A 15 -10.17 -8.46 13.83
C LYS A 15 -10.06 -7.63 15.08
N GLY A 16 -10.74 -6.49 15.10
CA GLY A 16 -10.68 -5.55 16.23
C GLY A 16 -9.33 -4.90 16.53
N ASN A 17 -8.36 -5.12 15.65
CA ASN A 17 -6.98 -4.60 15.80
C ASN A 17 -6.64 -3.62 14.65
N LEU A 18 -5.50 -2.95 14.78
CA LEU A 18 -5.06 -1.93 13.85
C LEU A 18 -4.11 -2.48 12.77
N ILE A 19 -4.36 -2.12 11.52
CA ILE A 19 -3.49 -2.41 10.39
C ILE A 19 -2.78 -1.10 10.07
N VAL A 20 -1.46 -1.11 9.90
CA VAL A 20 -0.73 0.11 9.58
C VAL A 20 -0.22 0.03 8.18
N SER A 21 -0.65 1.02 7.38
CA SER A 21 -0.13 1.26 6.02
C SER A 21 1.19 2.01 6.04
N CYS A 22 2.23 1.36 5.49
CA CYS A 22 3.58 1.95 5.43
C CYS A 22 3.91 2.10 3.93
N GLN A 23 3.54 3.26 3.44
CA GLN A 23 3.57 3.58 2.06
CA GLN A 23 3.57 3.59 2.07
C GLN A 23 4.29 4.91 1.93
N ALA A 24 5.15 4.98 0.94
CA ALA A 24 5.88 6.19 0.61
C ALA A 24 6.12 6.14 -0.88
N LEU A 25 5.34 6.89 -1.65
CA LEU A 25 5.49 6.88 -3.12
C LEU A 25 6.68 7.76 -3.61
N SER A 26 7.00 7.72 -4.92
CA SER A 26 8.27 8.28 -5.44
C SER A 26 8.43 9.81 -5.22
N ASP A 27 7.34 10.49 -4.96
CA ASP A 27 7.41 11.95 -4.73
C ASP A 27 7.41 12.31 -3.23
N GLU A 28 7.60 11.30 -2.39
CA GLU A 28 7.51 11.47 -0.95
C GLU A 28 8.93 11.28 -0.37
N PRO A 29 9.23 11.93 0.76
CA PRO A 29 10.56 11.92 1.35
C PRO A 29 11.07 10.57 1.88
N LEU A 30 10.17 9.64 2.22
CA LEU A 30 10.59 8.37 2.76
C LEU A 30 10.53 7.24 1.78
N HIS A 31 10.47 7.55 0.48
CA HIS A 31 10.43 6.54 -0.58
C HIS A 31 11.70 5.70 -0.58
N SER A 32 11.54 4.47 -0.11
CA SER A 32 12.66 3.54 0.12
C SER A 32 12.14 2.37 0.85
N SER A 33 12.42 1.16 0.36
N SER A 33 12.43 1.16 0.35
CA SER A 33 11.98 -0.04 1.09
CA SER A 33 12.02 -0.07 1.02
C SER A 33 12.70 -0.15 2.44
C SER A 33 12.72 -0.19 2.39
N PHE A 34 13.94 0.32 2.52
CA PHE A 34 14.65 0.36 3.81
C PHE A 34 13.83 1.11 4.84
N ILE A 35 13.34 2.29 4.46
CA ILE A 35 12.62 3.07 5.44
C ILE A 35 11.26 2.46 5.72
N MET A 36 10.57 1.93 4.72
CA MET A 36 9.24 1.37 4.97
C MET A 36 9.31 0.10 5.85
N GLY A 37 10.44 -0.58 5.79
CA GLY A 37 10.74 -1.74 6.67
C GLY A 37 10.87 -1.31 8.11
N ARG A 38 11.59 -0.19 8.35
CA ARG A 38 11.75 0.38 9.69
C ARG A 38 10.44 0.92 10.21
N MET A 39 9.67 1.59 9.37
CA MET A 39 8.30 1.99 9.73
C MET A 39 7.46 0.77 10.16
N ALA A 40 7.49 -0.33 9.41
CA ALA A 40 6.71 -1.53 9.84
C ALA A 40 7.18 -2.11 11.15
N ILE A 41 8.49 -2.11 11.39
CA ILE A 41 9.02 -2.59 12.67
C ILE A 41 8.40 -1.73 13.80
N ALA A 42 8.42 -0.40 13.61
CA ALA A 42 7.87 0.55 14.59
C ALA A 42 6.36 0.25 14.83
N ALA A 43 5.63 0.05 13.76
CA ALA A 43 4.20 -0.28 13.80
C ALA A 43 4.00 -1.63 14.55
N LYS A 44 4.81 -2.63 14.20
CA LYS A 44 4.78 -3.93 14.93
C LYS A 44 5.00 -3.70 16.44
N GLN A 45 6.04 -2.93 16.80
CA GLN A 45 6.42 -2.74 18.21
C GLN A 45 5.40 -1.85 18.96
N GLY A 46 4.66 -1.05 18.21
CA GLY A 46 3.52 -0.28 18.73
C GLY A 46 2.19 -1.04 18.79
N GLY A 47 2.17 -2.32 18.43
CA GLY A 47 0.91 -3.12 18.52
C GLY A 47 0.12 -3.35 17.25
N ALA A 48 0.66 -2.96 16.10
CA ALA A 48 -0.01 -3.21 14.81
C ALA A 48 -0.13 -4.74 14.57
N ALA A 49 -1.25 -5.22 14.05
CA ALA A 49 -1.47 -6.67 13.82
C ALA A 49 -1.11 -7.07 12.39
N ALA A 50 -1.02 -6.09 11.52
CA ALA A 50 -0.78 -6.33 10.08
C ALA A 50 -0.31 -5.06 9.42
N ILE A 51 0.23 -5.18 8.18
CA ILE A 51 0.75 -4.04 7.50
C ILE A 51 0.13 -3.94 6.10
N ARG A 52 -0.17 -2.74 5.64
CA ARG A 52 -0.52 -2.54 4.24
C ARG A 52 0.66 -1.88 3.54
N ALA A 53 1.07 -2.42 2.41
CA ALA A 53 2.28 -1.93 1.73
C ALA A 53 2.13 -1.95 0.21
N GLN A 54 2.81 -1.00 -0.41
CA GLN A 54 2.75 -0.75 -1.86
C GLN A 54 4.08 -1.11 -2.52
N GLY A 55 4.03 -1.95 -3.54
CA GLY A 55 5.22 -2.29 -4.32
C GLY A 55 5.92 -3.57 -3.86
N VAL A 56 6.41 -4.33 -4.82
CA VAL A 56 7.07 -5.62 -4.55
C VAL A 56 8.25 -5.42 -3.60
N ASN A 57 9.11 -4.42 -3.85
CA ASN A 57 10.29 -4.26 -3.00
C ASN A 57 9.93 -3.87 -1.55
N ASP A 58 8.94 -3.01 -1.33
CA ASP A 58 8.50 -2.69 0.05
C ASP A 58 7.89 -3.90 0.77
N ILE A 59 6.98 -4.59 0.06
CA ILE A 59 6.34 -5.78 0.57
C ILE A 59 7.38 -6.83 1.03
N ASN A 60 8.38 -7.08 0.22
CA ASN A 60 9.36 -8.09 0.50
C ASN A 60 10.26 -7.67 1.67
N GLU A 61 10.63 -6.40 1.74
CA GLU A 61 11.40 -5.92 2.86
C GLU A 61 10.61 -5.99 4.15
N ILE A 62 9.35 -5.57 4.13
CA ILE A 62 8.50 -5.57 5.33
CA ILE A 62 8.53 -5.56 5.34
C ILE A 62 8.28 -7.00 5.83
N LYS A 63 8.01 -7.92 4.92
CA LYS A 63 7.80 -9.32 5.28
C LYS A 63 9.05 -9.89 5.99
N GLU A 64 10.23 -9.62 5.45
CA GLU A 64 11.51 -10.08 6.04
C GLU A 64 11.78 -9.54 7.45
N VAL A 65 11.62 -8.23 7.64
CA VAL A 65 12.02 -7.63 8.89
C VAL A 65 10.89 -7.59 9.96
N THR A 66 9.64 -7.83 9.56
CA THR A 66 8.53 -7.91 10.53
C THR A 66 7.85 -9.30 10.69
N LYS A 67 7.82 -10.12 9.65
CA LYS A 67 7.03 -11.38 9.66
C LYS A 67 5.50 -11.17 9.86
N LEU A 68 5.03 -9.93 9.65
CA LEU A 68 3.62 -9.59 9.85
CA LEU A 68 3.62 -9.61 9.85
C LEU A 68 2.81 -10.00 8.64
N PRO A 69 1.51 -10.31 8.82
CA PRO A 69 0.66 -10.38 7.61
C PRO A 69 0.65 -9.06 6.86
N ILE A 70 0.61 -9.15 5.52
CA ILE A 70 0.64 -7.97 4.64
C ILE A 70 -0.53 -7.89 3.63
N ILE A 71 -1.10 -6.71 3.50
CA ILE A 71 -2.01 -6.43 2.40
C ILE A 71 -1.20 -5.72 1.35
N GLY A 72 -1.00 -6.36 0.21
CA GLY A 72 -0.14 -5.79 -0.82
C GLY A 72 -0.94 -5.15 -1.93
N ILE A 73 -0.50 -3.99 -2.39
CA ILE A 73 -1.05 -3.39 -3.61
C ILE A 73 0.12 -2.93 -4.51
N ILE A 74 -0.17 -2.69 -5.78
CA ILE A 74 0.73 -1.90 -6.61
C ILE A 74 -0.12 -0.77 -7.14
N LYS A 75 0.36 0.46 -6.93
CA LYS A 75 -0.21 1.67 -7.52
C LYS A 75 0.50 2.03 -8.81
N ARG A 76 -0.28 2.22 -9.85
CA ARG A 76 0.30 2.44 -11.16
C ARG A 76 -0.76 3.10 -12.03
N ASN A 77 -0.38 4.22 -12.67
CA ASN A 77 -1.22 4.89 -13.61
C ASN A 77 -1.19 4.14 -14.93
N TYR A 78 -2.34 4.09 -15.57
CA TYR A 78 -2.45 3.70 -16.94
C TYR A 78 -3.13 4.85 -17.65
N ASP A 79 -2.81 5.01 -18.93
CA ASP A 79 -3.38 6.07 -19.76
C ASP A 79 -4.85 5.88 -20.03
N ASP A 80 -5.34 4.65 -20.05
CA ASP A 80 -6.73 4.40 -20.47
C ASP A 80 -7.68 4.07 -19.30
N SER A 81 -7.32 4.52 -18.10
CA SER A 81 -8.11 4.25 -16.90
C SER A 81 -7.82 5.27 -15.83
N GLU A 82 -8.84 5.56 -15.03
CA GLU A 82 -8.72 6.37 -13.81
C GLU A 82 -8.19 5.53 -12.62
N ILE A 83 -8.28 4.21 -12.75
CA ILE A 83 -7.93 3.27 -11.72
C ILE A 83 -6.41 3.13 -11.60
N TYR A 84 -5.92 3.18 -10.37
CA TYR A 84 -4.49 3.06 -10.09
C TYR A 84 -4.14 2.06 -8.98
N ILE A 85 -5.10 1.70 -8.15
CA ILE A 85 -4.84 0.65 -7.21
C ILE A 85 -4.96 -0.76 -7.84
N THR A 86 -3.81 -1.37 -8.18
CA THR A 86 -3.75 -2.75 -8.71
C THR A 86 -4.72 -2.90 -9.87
N PRO A 87 -4.46 -2.18 -10.98
CA PRO A 87 -5.49 -2.03 -11.99
C PRO A 87 -5.64 -3.24 -12.88
N THR A 88 -4.56 -3.99 -13.12
CA THR A 88 -4.59 -5.14 -14.06
C THR A 88 -3.98 -6.45 -13.56
N MET A 89 -4.19 -7.51 -14.33
CA MET A 89 -3.57 -8.80 -14.04
C MET A 89 -2.03 -8.71 -13.98
N LYS A 90 -1.43 -7.76 -14.70
CA LYS A 90 0.02 -7.59 -14.62
C LYS A 90 0.42 -7.26 -13.17
N GLU A 91 -0.30 -6.35 -12.51
CA GLU A 91 0.01 -6.07 -11.11
C GLU A 91 -0.34 -7.19 -10.16
N VAL A 92 -1.46 -7.86 -10.40
CA VAL A 92 -1.79 -9.03 -9.60
C VAL A 92 -0.66 -10.09 -9.62
N ASP A 93 -0.11 -10.36 -10.79
CA ASP A 93 0.89 -11.42 -10.94
C ASP A 93 2.22 -11.04 -10.27
N GLU A 94 2.56 -9.76 -10.30
CA GLU A 94 3.72 -9.21 -9.65
C GLU A 94 3.60 -9.38 -8.15
N LEU A 95 2.41 -9.07 -7.61
CA LEU A 95 2.13 -9.23 -6.18
C LEU A 95 2.14 -10.71 -5.75
N LEU A 96 1.61 -11.62 -6.58
CA LEU A 96 1.70 -13.05 -6.23
C LEU A 96 3.14 -13.63 -6.26
N LYS A 97 4.11 -12.90 -6.80
CA LYS A 97 5.52 -13.25 -6.62
C LYS A 97 6.03 -12.90 -5.21
N THR A 98 5.24 -12.13 -4.44
CA THR A 98 5.58 -11.87 -3.04
C THR A 98 4.80 -12.84 -2.15
N ASP A 99 5.02 -12.79 -0.85
CA ASP A 99 4.32 -13.71 0.08
C ASP A 99 3.10 -13.08 0.76
N CYS A 100 2.74 -11.87 0.31
CA CYS A 100 1.65 -11.13 0.93
C CYS A 100 0.39 -11.95 0.85
N GLU A 101 -0.27 -12.10 2.00
CA GLU A 101 -1.41 -12.98 2.19
C GLU A 101 -2.70 -12.44 1.55
N MET A 102 -2.79 -11.11 1.45
CA MET A 102 -3.96 -10.46 0.87
C MET A 102 -3.44 -9.46 -0.13
N ILE A 103 -4.23 -9.25 -1.19
CA ILE A 103 -3.97 -8.27 -2.25
C ILE A 103 -5.21 -7.40 -2.33
N ALA A 104 -5.02 -6.07 -2.19
CA ALA A 104 -6.12 -5.13 -2.36
C ALA A 104 -6.10 -4.64 -3.80
N LEU A 105 -7.30 -4.38 -4.30
CA LEU A 105 -7.46 -3.75 -5.58
C LEU A 105 -8.68 -2.80 -5.60
N ASP A 106 -8.57 -1.76 -6.43
CA ASP A 106 -9.68 -0.89 -6.78
C ASP A 106 -10.78 -1.82 -7.29
N ALA A 107 -11.91 -1.78 -6.60
CA ALA A 107 -13.15 -2.52 -6.97
C ALA A 107 -14.25 -1.53 -7.33
N THR A 108 -13.87 -0.34 -7.80
CA THR A 108 -14.86 0.61 -8.28
C THR A 108 -15.52 0.13 -9.58
N LYS A 109 -16.61 0.80 -9.95
CA LYS A 109 -17.39 0.46 -11.13
C LYS A 109 -16.70 0.84 -12.46
N ARG A 110 -15.53 1.50 -12.35
CA ARG A 110 -14.92 2.16 -13.47
C ARG A 110 -14.23 1.20 -14.40
N LYS A 111 -13.97 1.69 -15.61
CA LYS A 111 -13.30 0.92 -16.63
C LYS A 111 -11.82 0.71 -16.28
N ARG A 112 -11.38 -0.54 -16.40
CA ARG A 112 -9.98 -0.87 -16.09
C ARG A 112 -9.11 -0.82 -17.35
N PRO A 113 -7.80 -0.68 -17.19
CA PRO A 113 -6.90 -0.75 -18.36
C PRO A 113 -7.05 -2.06 -19.17
N ASN A 114 -6.91 -1.95 -20.49
CA ASN A 114 -7.07 -3.08 -21.42
C ASN A 114 -8.46 -3.72 -21.37
N GLY A 115 -9.43 -2.99 -20.81
CA GLY A 115 -10.79 -3.49 -20.68
C GLY A 115 -10.91 -4.74 -19.83
N GLU A 116 -10.04 -4.86 -18.82
CA GLU A 116 -10.04 -6.02 -17.95
C GLU A 116 -11.16 -5.91 -16.92
N ASN A 117 -11.68 -7.05 -16.49
CA ASN A 117 -12.75 -7.18 -15.51
CA ASN A 117 -12.71 -7.05 -15.47
C ASN A 117 -12.19 -7.47 -14.10
N VAL A 118 -12.75 -6.88 -13.06
CA VAL A 118 -12.29 -7.17 -11.70
C VAL A 118 -12.43 -8.66 -11.30
N LYS A 119 -13.49 -9.34 -11.75
CA LYS A 119 -13.69 -10.76 -11.38
C LYS A 119 -12.48 -11.63 -11.73
N ASP A 120 -11.88 -11.39 -12.89
CA ASP A 120 -10.72 -12.15 -13.33
C ASP A 120 -9.52 -11.95 -12.40
N LEU A 121 -9.32 -10.71 -11.96
CA LEU A 121 -8.27 -10.43 -11.02
C LEU A 121 -8.53 -11.17 -9.70
N VAL A 122 -9.75 -11.04 -9.20
CA VAL A 122 -10.18 -11.71 -8.00
C VAL A 122 -10.05 -13.24 -8.13
N ASP A 123 -10.40 -13.79 -9.28
CA ASP A 123 -10.25 -15.24 -9.46
C ASP A 123 -8.76 -15.67 -9.48
N ALA A 124 -7.90 -14.86 -10.09
CA ALA A 124 -6.46 -15.17 -10.13
C ALA A 124 -5.85 -15.24 -8.72
N ILE A 125 -6.16 -14.22 -7.91
CA ILE A 125 -5.80 -14.18 -6.49
C ILE A 125 -6.25 -15.43 -5.72
N HIS A 126 -7.53 -15.77 -5.81
CA HIS A 126 -8.02 -16.97 -5.14
C HIS A 126 -7.38 -18.28 -5.65
N ALA A 127 -7.11 -18.33 -6.95
CA ALA A 127 -6.45 -19.51 -7.56
C ALA A 127 -5.13 -19.88 -6.85
N LYS A 128 -4.42 -18.89 -6.31
CA LYS A 128 -3.14 -19.08 -5.56
C LYS A 128 -3.32 -19.10 -4.03
N GLY A 129 -4.58 -19.18 -3.58
CA GLY A 129 -4.90 -19.28 -2.17
C GLY A 129 -4.73 -18.02 -1.36
N ARG A 130 -4.61 -16.87 -2.02
CA ARG A 130 -4.59 -15.60 -1.33
C ARG A 130 -6.03 -15.08 -1.07
N LEU A 131 -6.08 -13.99 -0.30
CA LEU A 131 -7.30 -13.25 0.00
C LEU A 131 -7.35 -12.04 -0.88
N ALA A 132 -8.56 -11.57 -1.16
CA ALA A 132 -8.76 -10.36 -1.96
C ALA A 132 -9.56 -9.32 -1.21
N MET A 133 -9.01 -8.10 -1.13
CA MET A 133 -9.71 -6.95 -0.55
C MET A 133 -10.17 -6.00 -1.66
N ALA A 134 -11.39 -5.53 -1.54
CA ALA A 134 -11.97 -4.63 -2.49
C ALA A 134 -11.88 -3.22 -1.91
N ASP A 135 -11.01 -2.38 -2.43
CA ASP A 135 -11.00 -0.95 -2.04
C ASP A 135 -12.15 -0.25 -2.82
N ILE A 136 -13.15 0.34 -2.12
CA ILE A 136 -14.32 0.95 -2.74
C ILE A 136 -14.53 2.41 -2.32
N SER A 137 -15.39 3.11 -3.05
CA SER A 137 -15.67 4.52 -2.76
C SER A 137 -17.13 4.82 -2.31
N THR A 138 -18.05 3.89 -2.54
CA THR A 138 -19.48 4.02 -2.31
C THR A 138 -20.11 2.71 -1.86
N LEU A 139 -21.32 2.81 -1.33
N LEU A 139 -21.33 2.82 -1.33
CA LEU A 139 -22.04 1.67 -0.79
CA LEU A 139 -22.09 1.71 -0.78
C LEU A 139 -22.36 0.59 -1.81
C LEU A 139 -22.42 0.61 -1.79
N GLU A 140 -22.75 0.99 -3.02
CA GLU A 140 -23.08 0.01 -4.07
C GLU A 140 -21.84 -0.73 -4.51
N GLU A 141 -20.73 -0.01 -4.64
CA GLU A 141 -19.45 -0.68 -4.93
C GLU A 141 -19.12 -1.75 -3.92
N GLY A 142 -19.41 -1.47 -2.64
CA GLY A 142 -19.18 -2.44 -1.57
C GLY A 142 -20.11 -3.61 -1.69
N ILE A 143 -21.35 -3.36 -2.13
CA ILE A 143 -22.35 -4.40 -2.17
C ILE A 143 -22.03 -5.34 -3.29
N GLU A 144 -21.59 -4.76 -4.42
CA GLU A 144 -21.15 -5.49 -5.59
C GLU A 144 -19.82 -6.25 -5.34
N ALA A 145 -18.96 -5.71 -4.49
CA ALA A 145 -17.70 -6.40 -4.13
C ALA A 145 -17.94 -7.79 -3.56
N GLU A 146 -18.91 -7.87 -2.67
CA GLU A 146 -19.33 -9.14 -2.07
C GLU A 146 -19.79 -10.12 -3.14
N LYS A 147 -20.55 -9.63 -4.13
CA LYS A 147 -21.12 -10.47 -5.16
C LYS A 147 -20.03 -11.04 -6.08
N LEU A 148 -19.01 -10.22 -6.32
CA LEU A 148 -17.83 -10.63 -7.08
C LEU A 148 -16.93 -11.67 -6.38
N GLY A 149 -17.15 -11.97 -5.10
CA GLY A 149 -16.31 -12.97 -4.40
C GLY A 149 -15.19 -12.47 -3.51
N PHE A 150 -15.04 -11.15 -3.39
CA PHE A 150 -14.13 -10.57 -2.44
C PHE A 150 -14.27 -11.12 -0.99
N ASP A 151 -13.13 -11.25 -0.33
CA ASP A 151 -13.06 -11.73 1.03
C ASP A 151 -13.35 -10.64 2.03
N CYS A 152 -13.08 -9.39 1.64
CA CYS A 152 -13.37 -8.27 2.52
C CYS A 152 -13.38 -7.01 1.67
N VAL A 153 -14.00 -5.97 2.21
CA VAL A 153 -14.11 -4.69 1.55
C VAL A 153 -13.52 -3.59 2.43
N SER A 154 -12.97 -2.55 1.81
CA SER A 154 -12.36 -1.44 2.54
CA SER A 154 -12.44 -1.43 2.58
C SER A 154 -12.83 -0.11 1.91
N THR A 155 -13.07 0.90 2.75
CA THR A 155 -13.57 2.20 2.35
C THR A 155 -12.45 3.14 1.87
N THR A 156 -11.34 2.52 1.44
CA THR A 156 -10.10 3.20 1.05
C THR A 156 -10.28 4.37 0.09
N LEU A 157 -11.11 4.13 -0.91
CA LEU A 157 -11.31 5.07 -1.98
C LEU A 157 -12.47 6.08 -1.79
N SER A 158 -13.15 6.03 -0.65
CA SER A 158 -14.17 7.03 -0.36
C SER A 158 -13.56 8.46 -0.28
N GLY A 159 -14.12 9.36 -1.09
CA GLY A 159 -13.62 10.75 -1.16
C GLY A 159 -12.48 10.86 -2.15
N TYR A 160 -12.13 9.74 -2.81
CA TYR A 160 -11.06 9.72 -3.84
C TYR A 160 -11.55 9.28 -5.23
N THR A 161 -12.86 9.32 -5.43
CA THR A 161 -13.48 9.20 -6.73
C THR A 161 -14.39 10.42 -6.82
N PRO A 162 -14.69 10.88 -8.05
CA PRO A 162 -15.42 12.16 -8.18
C PRO A 162 -16.89 12.05 -7.74
N TYR A 163 -17.45 10.83 -7.78
CA TYR A 163 -18.86 10.55 -7.47
C TYR A 163 -19.11 10.06 -6.03
N SER A 164 -18.07 9.79 -5.24
CA SER A 164 -18.26 9.43 -3.81
C SER A 164 -18.31 10.70 -2.94
N LYS A 165 -18.53 10.50 -1.64
CA LYS A 165 -18.62 11.60 -0.66
C LYS A 165 -17.32 12.37 -0.59
N GLN A 166 -17.36 13.66 -0.86
CA GLN A 166 -16.17 14.49 -0.75
C GLN A 166 -16.00 14.99 0.68
N SER A 167 -14.87 14.62 1.31
CA SER A 167 -14.62 14.94 2.71
C SER A 167 -13.13 14.94 3.06
N ASN A 168 -12.79 15.69 4.12
CA ASN A 168 -11.47 15.66 4.73
C ASN A 168 -11.45 14.83 6.01
N SER A 169 -12.58 14.28 6.41
CA SER A 169 -12.58 13.45 7.58
C SER A 169 -13.03 12.01 7.25
N VAL A 170 -12.98 11.12 8.23
CA VAL A 170 -13.32 9.71 7.97
C VAL A 170 -14.78 9.59 7.51
N ASP A 171 -15.01 8.75 6.53
CA ASP A 171 -16.36 8.36 6.11
C ASP A 171 -16.91 7.21 6.96
N PHE A 172 -17.43 7.60 8.12
CA PHE A 172 -18.15 6.77 9.08
C PHE A 172 -19.53 6.32 8.54
N GLU A 173 -20.16 7.19 7.76
CA GLU A 173 -21.45 6.87 7.17
C GLU A 173 -21.36 5.61 6.32
N LEU A 174 -20.37 5.58 5.43
CA LEU A 174 -20.18 4.46 4.51
C LEU A 174 -19.98 3.16 5.29
N LEU A 175 -19.14 3.26 6.33
CA LEU A 175 -18.85 2.17 7.22
C LEU A 175 -20.14 1.58 7.79
N GLU A 176 -20.96 2.45 8.37
CA GLU A 176 -22.22 2.00 8.96
C GLU A 176 -23.12 1.28 7.97
N GLU A 177 -23.21 1.84 6.76
CA GLU A 177 -24.11 1.36 5.73
C GLU A 177 -23.62 0.04 5.11
N LEU A 178 -22.29 -0.10 4.98
CA LEU A 178 -21.72 -1.37 4.58
C LEU A 178 -22.02 -2.47 5.59
N VAL A 179 -21.81 -2.14 6.87
CA VAL A 179 -22.12 -3.03 7.95
C VAL A 179 -23.60 -3.48 7.95
N LYS A 180 -24.56 -2.61 7.62
CA LYS A 180 -25.97 -3.04 7.54
C LYS A 180 -26.28 -4.04 6.40
N THR A 181 -25.40 -4.12 5.40
CA THR A 181 -25.74 -4.67 4.10
C THR A 181 -24.81 -5.78 3.53
N VAL A 182 -23.54 -5.83 3.95
CA VAL A 182 -22.69 -6.95 3.53
C VAL A 182 -22.34 -7.88 4.70
N LYS A 183 -22.10 -9.16 4.41
CA LYS A 183 -21.77 -10.12 5.45
C LYS A 183 -20.25 -10.16 5.72
N ILE A 184 -19.46 -9.91 4.67
CA ILE A 184 -18.01 -9.97 4.78
C ILE A 184 -17.44 -8.82 5.59
N PRO A 185 -16.20 -8.99 6.08
CA PRO A 185 -15.58 -7.98 6.90
C PRO A 185 -15.49 -6.62 6.24
N VAL A 186 -15.90 -5.59 6.96
CA VAL A 186 -15.82 -4.22 6.46
C VAL A 186 -14.67 -3.50 7.17
N ILE A 187 -13.67 -3.08 6.41
CA ILE A 187 -12.55 -2.45 7.05
CA ILE A 187 -12.45 -2.46 6.94
C ILE A 187 -12.51 -0.93 6.73
N CYS A 188 -12.27 -0.14 7.76
CA CYS A 188 -12.33 1.31 7.63
C CYS A 188 -10.96 1.82 7.32
N GLU A 189 -10.80 2.47 6.18
CA GLU A 189 -9.51 2.93 5.71
C GLU A 189 -9.68 4.30 5.04
N GLY A 190 -9.03 5.31 5.58
CA GLY A 190 -9.06 6.61 4.92
C GLY A 190 -9.23 7.73 5.91
N ARG A 191 -8.17 8.52 6.10
CA ARG A 191 -8.25 9.80 6.83
C ARG A 191 -8.50 9.68 8.34
N ILE A 192 -8.32 8.49 8.90
CA ILE A 192 -8.25 8.30 10.37
C ILE A 192 -6.99 9.03 10.86
N ASN A 193 -7.19 10.09 11.63
CA ASN A 193 -6.07 10.93 12.16
C ASN A 193 -5.79 10.74 13.64
N THR A 194 -6.81 10.32 14.41
CA THR A 194 -6.73 10.22 15.87
C THR A 194 -7.22 8.86 16.46
N PRO A 195 -6.71 8.51 17.65
CA PRO A 195 -7.15 7.29 18.34
C PRO A 195 -8.67 7.26 18.54
N GLU A 196 -9.25 8.44 18.82
CA GLU A 196 -10.71 8.56 18.98
C GLU A 196 -11.50 8.15 17.74
N GLU A 197 -10.97 8.45 16.57
CA GLU A 197 -11.64 8.18 15.30
C GLU A 197 -11.56 6.70 15.00
N LEU A 198 -10.41 6.12 15.35
CA LEU A 198 -10.17 4.69 15.20
C LEU A 198 -11.12 3.90 16.08
N LYS A 199 -11.28 4.31 17.34
CA LYS A 199 -12.20 3.65 18.27
C LYS A 199 -13.64 3.77 17.75
N LYS A 200 -14.00 4.95 17.31
CA LYS A 200 -15.32 5.18 16.70
C LYS A 200 -15.62 4.24 15.54
N ALA A 201 -14.63 4.02 14.64
CA ALA A 201 -14.79 3.15 13.51
C ALA A 201 -15.08 1.71 13.90
N LEU A 202 -14.36 1.21 14.91
CA LEU A 202 -14.58 -0.14 15.45
C LEU A 202 -15.86 -0.20 16.24
N ASP A 203 -16.18 0.90 16.92
CA ASP A 203 -17.49 0.99 17.63
C ASP A 203 -18.67 0.93 16.67
N LEU A 204 -18.48 1.48 15.48
CA LEU A 204 -19.52 1.47 14.44
C LEU A 204 -19.53 0.16 13.65
N GLY A 205 -18.77 -0.84 14.10
CA GLY A 205 -18.84 -2.18 13.50
C GLY A 205 -17.77 -2.51 12.45
N ALA A 206 -16.83 -1.60 12.21
CA ALA A 206 -15.69 -1.95 11.36
C ALA A 206 -15.03 -3.20 11.91
N TYR A 207 -14.71 -4.16 11.04
CA TYR A 207 -14.06 -5.40 11.49
C TYR A 207 -12.62 -5.13 11.91
N SER A 208 -11.95 -4.26 11.12
CA SER A 208 -10.62 -3.73 11.41
C SER A 208 -10.51 -2.31 10.82
N ALA A 209 -9.37 -1.68 11.00
CA ALA A 209 -9.12 -0.34 10.43
C ALA A 209 -7.67 -0.24 9.98
N VAL A 210 -7.42 0.54 8.92
CA VAL A 210 -6.09 0.86 8.44
C VAL A 210 -5.79 2.35 8.69
N VAL A 211 -4.68 2.62 9.37
CA VAL A 211 -4.17 3.99 9.52
C VAL A 211 -2.83 4.02 8.83
N GLY A 212 -2.73 4.93 7.85
CA GLY A 212 -1.54 5.23 7.11
C GLY A 212 -0.86 6.52 7.55
N GLY A 213 -1.13 7.58 6.81
CA GLY A 213 -0.45 8.87 6.96
C GLY A 213 -0.24 9.39 8.37
N ALA A 214 -1.23 9.23 9.27
CA ALA A 214 -1.15 9.75 10.64
C ALA A 214 -0.12 9.04 11.50
N ILE A 215 0.44 7.95 10.99
CA ILE A 215 1.57 7.28 11.65
C ILE A 215 2.84 7.30 10.83
N THR A 216 2.72 7.01 9.54
CA THR A 216 3.85 6.80 8.64
C THR A 216 4.20 7.92 7.65
N ARG A 217 3.41 9.00 7.61
CA ARG A 217 3.74 10.18 6.81
C ARG A 217 4.09 11.44 7.65
N PRO A 218 5.32 11.55 8.09
CA PRO A 218 5.67 12.69 8.98
C PRO A 218 5.38 14.07 8.38
N GLN A 219 5.47 14.19 7.06
CA GLN A 219 5.13 15.45 6.41
C GLN A 219 3.68 15.88 6.69
N GLN A 220 2.77 14.89 6.68
CA GLN A 220 1.33 15.10 6.83
C GLN A 220 1.06 15.36 8.29
N ILE A 221 1.79 14.65 9.15
CA ILE A 221 1.63 14.84 10.59
C ILE A 221 2.09 16.28 10.90
N THR A 222 3.26 16.64 10.40
CA THR A 222 3.81 17.98 10.61
C THR A 222 2.84 19.06 10.16
N LYS A 223 2.30 18.90 8.94
CA LYS A 223 1.35 19.84 8.35
C LYS A 223 0.09 20.02 9.19
N ARG A 224 -0.45 18.92 9.68
CA ARG A 224 -1.58 19.01 10.61
C ARG A 224 -1.24 19.84 11.84
N PHE A 225 0.01 19.77 12.34
CA PHE A 225 0.42 20.62 13.47
C PHE A 225 0.57 22.09 13.07
N THR A 226 1.31 22.34 12.01
CA THR A 226 1.59 23.71 11.54
C THR A 226 0.37 24.46 11.00
N ASP A 227 -0.60 23.72 10.50
CA ASP A 227 -1.86 24.27 10.00
C ASP A 227 -2.64 24.98 11.10
N ILE A 228 -2.50 24.50 12.34
CA ILE A 228 -3.20 25.12 13.45
C ILE A 228 -2.56 26.44 13.94
N LEU A 229 -1.35 26.77 13.50
CA LEU A 229 -0.68 27.99 13.99
C LEU A 229 -0.98 29.25 13.17
N GLY B 1 50.48 17.77 -5.73
CA GLY B 1 51.18 17.40 -7.00
C GLY B 1 50.30 17.74 -8.18
N SER B 2 50.84 17.51 -9.39
CA SER B 2 50.05 17.63 -10.63
C SER B 2 50.44 16.55 -11.66
N HIS B 3 49.50 16.22 -12.53
CA HIS B 3 49.80 15.37 -13.70
C HIS B 3 49.02 15.71 -14.98
N HIS B 4 49.34 15.00 -16.06
CA HIS B 4 48.73 15.28 -17.35
C HIS B 4 47.23 14.94 -17.32
N HIS B 5 46.42 15.71 -18.04
CA HIS B 5 44.99 15.44 -18.12
C HIS B 5 44.72 14.36 -19.17
N HIS B 6 43.87 13.40 -18.83
CA HIS B 6 43.41 12.38 -19.78
C HIS B 6 42.04 12.76 -20.42
N HIS B 7 41.87 12.46 -21.71
CA HIS B 7 40.56 12.62 -22.35
C HIS B 7 39.52 11.63 -21.76
N HIS B 8 39.86 10.35 -21.60
CA HIS B 8 38.87 9.38 -21.12
C HIS B 8 39.01 9.09 -19.65
N HIS B 9 37.91 9.05 -18.94
CA HIS B 9 37.93 8.81 -17.52
C HIS B 9 37.10 7.57 -17.22
N MET B 10 37.59 6.77 -16.30
CA MET B 10 37.01 5.46 -16.05
C MET B 10 35.48 5.42 -15.85
N LEU B 11 34.92 6.34 -15.05
CA LEU B 11 33.48 6.30 -14.79
C LEU B 11 32.69 6.68 -16.04
N ASP B 12 33.11 7.71 -16.78
CA ASP B 12 32.47 8.03 -18.07
C ASP B 12 32.58 6.84 -19.04
N VAL B 13 33.71 6.17 -19.10
CA VAL B 13 33.88 5.07 -20.06
C VAL B 13 33.04 3.80 -19.77
N VAL B 14 32.81 3.47 -18.52
CA VAL B 14 32.01 2.26 -18.18
C VAL B 14 30.46 2.53 -18.16
N LYS B 15 30.07 3.80 -18.14
CA LYS B 15 28.65 4.18 -18.11
C LYS B 15 27.89 3.54 -19.24
N GLY B 16 26.84 2.80 -18.88
CA GLY B 16 26.03 2.11 -19.87
C GLY B 16 26.71 0.93 -20.55
N ASN B 17 27.97 0.70 -20.19
CA ASN B 17 28.81 -0.32 -20.79
C ASN B 17 29.08 -1.47 -19.81
N LEU B 18 29.68 -2.52 -20.35
CA LEU B 18 29.94 -3.77 -19.60
C LEU B 18 31.37 -3.84 -19.06
N ILE B 19 31.50 -4.19 -17.79
CA ILE B 19 32.82 -4.42 -17.18
C ILE B 19 33.02 -5.93 -17.06
N VAL B 20 34.16 -6.46 -17.50
CA VAL B 20 34.37 -7.89 -17.40
C VAL B 20 35.40 -8.26 -16.33
N SER B 21 34.97 -9.09 -15.38
CA SER B 21 35.82 -9.62 -14.30
C SER B 21 36.56 -10.84 -14.83
N CYS B 22 37.89 -10.72 -14.87
CA CYS B 22 38.80 -11.78 -15.27
C CYS B 22 39.58 -12.23 -14.03
N GLN B 23 39.00 -13.19 -13.33
CA GLN B 23 39.50 -13.67 -12.05
CA GLN B 23 39.50 -13.67 -12.06
C GLN B 23 39.56 -15.20 -12.06
N ALA B 24 40.65 -15.73 -11.50
CA ALA B 24 40.84 -17.17 -11.34
C ALA B 24 41.70 -17.34 -10.12
N LEU B 25 41.09 -17.80 -9.05
CA LEU B 25 41.82 -18.03 -7.79
C LEU B 25 42.58 -19.36 -7.77
N SER B 26 43.41 -19.61 -6.74
CA SER B 26 44.40 -20.66 -6.83
C SER B 26 43.77 -22.08 -6.91
N ASP B 27 42.49 -22.21 -6.57
CA ASP B 27 41.79 -23.51 -6.67
C ASP B 27 41.05 -23.64 -8.03
N GLU B 28 41.30 -22.69 -8.93
CA GLU B 28 40.59 -22.67 -10.22
C GLU B 28 41.54 -23.05 -11.35
N PRO B 29 41.01 -23.63 -12.44
CA PRO B 29 41.87 -24.16 -13.50
C PRO B 29 42.62 -23.10 -14.31
N LEU B 30 42.09 -21.90 -14.39
CA LEU B 30 42.72 -20.85 -15.15
C LEU B 30 43.58 -19.93 -14.32
N HIS B 31 43.97 -20.36 -13.12
CA HIS B 31 44.78 -19.50 -12.24
C HIS B 31 46.17 -19.28 -12.82
N SER B 32 46.39 -18.07 -13.33
CA SER B 32 47.59 -17.70 -14.09
C SER B 32 47.39 -16.33 -14.66
N SER B 33 48.32 -15.41 -14.44
CA SER B 33 48.19 -14.05 -15.03
CA SER B 33 48.21 -14.05 -15.03
C SER B 33 48.27 -14.12 -16.58
N PHE B 34 49.02 -15.10 -17.11
CA PHE B 34 49.02 -15.36 -18.55
C PHE B 34 47.57 -15.54 -19.05
N ILE B 35 46.82 -16.41 -18.39
CA ILE B 35 45.47 -16.72 -18.90
C ILE B 35 44.50 -15.56 -18.74
N MET B 36 44.52 -14.91 -17.59
CA MET B 36 43.63 -13.81 -17.31
C MET B 36 43.90 -12.63 -18.27
N GLY B 37 45.14 -12.50 -18.72
CA GLY B 37 45.50 -11.47 -19.68
C GLY B 37 44.83 -11.74 -21.00
N ARG B 38 44.78 -13.02 -21.39
CA ARG B 38 44.14 -13.43 -22.62
C ARG B 38 42.63 -13.36 -22.48
N MET B 39 42.09 -13.77 -21.34
CA MET B 39 40.64 -13.55 -21.07
C MET B 39 40.33 -12.04 -21.24
N ALA B 40 41.19 -11.16 -20.72
CA ALA B 40 40.98 -9.70 -20.81
C ALA B 40 41.00 -9.19 -22.23
N ILE B 41 41.92 -9.74 -23.03
CA ILE B 41 41.97 -9.39 -24.46
C ILE B 41 40.67 -9.78 -25.14
N ALA B 42 40.23 -11.01 -24.91
CA ALA B 42 38.99 -11.50 -25.50
C ALA B 42 37.80 -10.61 -25.11
N ALA B 43 37.73 -10.25 -23.83
CA ALA B 43 36.72 -9.35 -23.29
C ALA B 43 36.80 -8.01 -23.98
N LYS B 44 38.02 -7.46 -24.10
CA LYS B 44 38.25 -6.23 -24.91
C LYS B 44 37.67 -6.33 -26.35
N GLN B 45 38.04 -7.41 -27.03
CA GLN B 45 37.64 -7.62 -28.45
C GLN B 45 36.13 -7.87 -28.55
N GLY B 46 35.52 -8.31 -27.46
CA GLY B 46 34.06 -8.50 -27.37
C GLY B 46 33.30 -7.23 -26.96
N GLY B 47 34.00 -6.11 -26.78
CA GLY B 47 33.33 -4.82 -26.43
C GLY B 47 33.35 -4.40 -24.98
N ALA B 48 34.00 -5.18 -24.10
CA ALA B 48 34.13 -4.82 -22.71
C ALA B 48 34.77 -3.43 -22.59
N ALA B 49 34.32 -2.62 -21.65
CA ALA B 49 34.81 -1.21 -21.56
C ALA B 49 35.86 -1.08 -20.44
N ALA B 50 35.93 -2.08 -19.57
CA ALA B 50 36.89 -2.12 -18.44
C ALA B 50 36.99 -3.54 -17.91
N ILE B 51 37.98 -3.80 -17.05
CA ILE B 51 38.20 -5.14 -16.55
C ILE B 51 38.24 -5.06 -15.02
N ARG B 52 37.75 -6.09 -14.37
CA ARG B 52 37.95 -6.21 -12.94
C ARG B 52 38.86 -7.43 -12.71
N ALA B 53 39.90 -7.25 -11.92
CA ALA B 53 40.87 -8.32 -11.71
C ALA B 53 41.42 -8.35 -10.30
N GLN B 54 41.92 -9.51 -9.93
CA GLN B 54 42.36 -9.80 -8.59
C GLN B 54 43.87 -10.15 -8.61
N GLY B 55 44.62 -9.53 -7.71
CA GLY B 55 46.04 -9.81 -7.54
C GLY B 55 46.88 -8.85 -8.40
N VAL B 56 47.96 -8.35 -7.81
CA VAL B 56 48.93 -7.49 -8.52
C VAL B 56 49.45 -8.11 -9.84
N ASN B 57 49.81 -9.39 -9.84
CA ASN B 57 50.36 -9.97 -11.07
C ASN B 57 49.33 -9.99 -12.21
N ASP B 58 48.08 -10.36 -11.92
CA ASP B 58 46.99 -10.32 -12.92
C ASP B 58 46.72 -8.89 -13.41
N ILE B 59 46.59 -7.97 -12.46
CA ILE B 59 46.35 -6.56 -12.79
C ILE B 59 47.43 -6.03 -13.75
N ASN B 60 48.69 -6.26 -13.43
CA ASN B 60 49.79 -5.75 -14.24
C ASN B 60 49.85 -6.37 -15.65
N GLU B 61 49.57 -7.65 -15.77
CA GLU B 61 49.54 -8.32 -17.07
C GLU B 61 48.35 -7.84 -17.90
N ILE B 62 47.17 -7.74 -17.28
CA ILE B 62 45.99 -7.22 -17.99
C ILE B 62 46.21 -5.79 -18.49
N LYS B 63 46.79 -4.91 -17.66
CA LYS B 63 47.04 -3.55 -18.11
C LYS B 63 47.95 -3.48 -19.32
N GLU B 64 49.05 -4.24 -19.27
CA GLU B 64 50.00 -4.39 -20.38
C GLU B 64 49.39 -4.92 -21.68
N VAL B 65 48.56 -5.95 -21.63
CA VAL B 65 48.09 -6.56 -22.87
C VAL B 65 46.74 -6.03 -23.39
N THR B 66 46.05 -5.24 -22.57
CA THR B 66 44.80 -4.60 -23.03
C THR B 66 44.75 -3.06 -22.99
N LYS B 67 45.46 -2.44 -22.06
CA LYS B 67 45.42 -0.97 -21.84
C LYS B 67 44.06 -0.44 -21.32
N LEU B 68 43.18 -1.35 -20.94
CA LEU B 68 41.83 -1.03 -20.47
C LEU B 68 41.88 -0.50 -19.04
N PRO B 69 40.90 0.36 -18.63
CA PRO B 69 40.83 0.73 -17.20
C PRO B 69 40.54 -0.52 -16.40
N ILE B 70 41.17 -0.64 -15.23
CA ILE B 70 41.00 -1.76 -14.33
C ILE B 70 40.48 -1.39 -12.95
N ILE B 71 39.60 -2.25 -12.46
CA ILE B 71 39.13 -2.26 -11.09
CA ILE B 71 39.16 -2.21 -11.09
C ILE B 71 39.89 -3.34 -10.37
N GLY B 72 40.77 -2.95 -9.48
CA GLY B 72 41.63 -3.93 -8.86
C GLY B 72 41.23 -4.22 -7.45
N ILE B 73 41.35 -5.50 -7.07
CA ILE B 73 41.21 -5.94 -5.69
C ILE B 73 42.30 -6.95 -5.36
N ILE B 74 42.45 -7.22 -4.07
CA ILE B 74 43.21 -8.39 -3.61
C ILE B 74 42.30 -9.12 -2.66
N LYS B 75 42.04 -10.39 -2.94
CA LYS B 75 41.25 -11.21 -2.04
C LYS B 75 42.23 -11.95 -1.16
N ARG B 76 42.02 -11.87 0.13
CA ARG B 76 42.90 -12.48 1.13
C ARG B 76 42.12 -12.72 2.43
N ASN B 77 42.26 -13.94 2.98
CA ASN B 77 41.61 -14.30 4.20
C ASN B 77 42.47 -13.83 5.32
N TYR B 78 41.86 -13.40 6.42
CA TYR B 78 42.57 -13.11 7.64
C TYR B 78 41.87 -13.91 8.73
N ASP B 79 42.60 -14.36 9.73
CA ASP B 79 42.03 -15.19 10.80
C ASP B 79 41.02 -14.44 11.66
N ASP B 80 41.20 -13.14 11.78
CA ASP B 80 40.38 -12.34 12.68
C ASP B 80 39.29 -11.53 11.94
N SER B 81 38.93 -11.97 10.74
CA SER B 81 37.91 -11.29 9.95
C SER B 81 37.21 -12.24 8.98
N GLU B 82 35.92 -11.98 8.75
CA GLU B 82 35.15 -12.61 7.68
C GLU B 82 35.38 -11.94 6.33
N ILE B 83 35.96 -10.75 6.37
CA ILE B 83 36.20 -9.94 5.19
C ILE B 83 37.42 -10.41 4.41
N TYR B 84 37.24 -10.50 3.10
CA TYR B 84 38.31 -10.96 2.23
C TYR B 84 38.58 -10.11 0.99
N ILE B 85 37.64 -9.26 0.57
CA ILE B 85 37.91 -8.34 -0.54
CA ILE B 85 37.92 -8.35 -0.53
C ILE B 85 38.64 -7.10 -0.02
N THR B 86 39.95 -7.04 -0.28
CA THR B 86 40.83 -5.91 0.07
C THR B 86 40.62 -5.47 1.53
N PRO B 87 41.05 -6.34 2.47
CA PRO B 87 40.62 -6.17 3.83
C PRO B 87 41.36 -5.13 4.64
N THR B 88 42.63 -4.91 4.34
CA THR B 88 43.44 -3.96 5.08
C THR B 88 44.29 -3.04 4.21
N MET B 89 44.93 -2.08 4.86
CA MET B 89 45.85 -1.14 4.19
C MET B 89 47.02 -1.86 3.48
N LYS B 90 47.42 -3.02 3.99
CA LYS B 90 48.46 -3.77 3.34
C LYS B 90 48.02 -4.05 1.90
N GLU B 91 46.76 -4.46 1.72
CA GLU B 91 46.31 -4.75 0.38
C GLU B 91 46.12 -3.48 -0.41
N VAL B 92 45.63 -2.41 0.21
CA VAL B 92 45.49 -1.14 -0.52
C VAL B 92 46.85 -0.68 -1.09
N ASP B 93 47.89 -0.84 -0.30
CA ASP B 93 49.23 -0.39 -0.67
C ASP B 93 49.88 -1.29 -1.75
N GLU B 94 49.57 -2.59 -1.75
CA GLU B 94 50.00 -3.50 -2.81
C GLU B 94 49.37 -3.12 -4.14
N LEU B 95 48.07 -2.83 -4.10
CA LEU B 95 47.28 -2.41 -5.26
C LEU B 95 47.73 -1.03 -5.79
N LEU B 96 48.03 -0.09 -4.90
CA LEU B 96 48.55 1.25 -5.31
C LEU B 96 49.91 1.21 -6.01
N LYS B 97 50.66 0.11 -5.84
CA LYS B 97 51.88 -0.11 -6.61
CA LYS B 97 51.88 -0.13 -6.59
C LYS B 97 51.57 -0.57 -8.04
N THR B 98 50.28 -0.83 -8.33
CA THR B 98 49.81 -1.07 -9.70
C THR B 98 49.25 0.22 -10.25
N ASP B 99 48.93 0.24 -11.56
CA ASP B 99 48.31 1.39 -12.22
C ASP B 99 46.77 1.33 -12.30
N CYS B 100 46.16 0.39 -11.59
CA CYS B 100 44.70 0.22 -11.65
C CYS B 100 44.05 1.49 -11.17
N GLU B 101 43.07 1.97 -11.93
CA GLU B 101 42.53 3.30 -11.74
C GLU B 101 41.52 3.37 -10.61
N MET B 102 40.91 2.23 -10.32
CA MET B 102 39.92 2.08 -9.28
C MET B 102 40.34 0.87 -8.43
N ILE B 103 40.06 0.94 -7.13
CA ILE B 103 40.28 -0.16 -6.20
C ILE B 103 38.97 -0.44 -5.50
N ALA B 104 38.53 -1.70 -5.56
CA ALA B 104 37.33 -2.11 -4.83
C ALA B 104 37.73 -2.73 -3.50
N LEU B 105 36.85 -2.55 -2.52
CA LEU B 105 36.98 -3.19 -1.23
C LEU B 105 35.64 -3.48 -0.60
N ASP B 106 35.62 -4.54 0.19
CA ASP B 106 34.48 -4.87 1.05
C ASP B 106 34.24 -3.64 1.92
N ALA B 107 33.00 -3.10 1.85
CA ALA B 107 32.54 -1.97 2.67
C ALA B 107 31.29 -2.42 3.45
N THR B 108 31.21 -3.72 3.75
CA THR B 108 30.27 -4.21 4.72
C THR B 108 30.52 -3.57 6.09
N LYS B 109 29.57 -3.79 7.00
CA LYS B 109 29.66 -3.27 8.39
C LYS B 109 30.57 -4.11 9.34
N ARG B 110 31.19 -5.16 8.81
CA ARG B 110 31.87 -6.11 9.64
C ARG B 110 33.23 -5.58 10.06
N LYS B 111 33.78 -6.22 11.09
CA LYS B 111 35.09 -5.85 11.62
C LYS B 111 36.17 -6.29 10.64
N ARG B 112 37.11 -5.39 10.41
CA ARG B 112 38.26 -5.67 9.51
C ARG B 112 39.44 -6.22 10.33
N PRO B 113 40.37 -6.91 9.68
CA PRO B 113 41.61 -7.33 10.35
C PRO B 113 42.33 -6.14 11.02
N ASN B 114 42.91 -6.41 12.20
CA ASN B 114 43.67 -5.44 12.98
C ASN B 114 42.82 -4.22 13.41
N GLY B 115 41.53 -4.43 13.55
CA GLY B 115 40.59 -3.38 13.87
C GLY B 115 40.68 -2.16 12.96
N GLU B 116 41.11 -2.35 11.72
CA GLU B 116 41.23 -1.25 10.77
C GLU B 116 39.86 -0.78 10.33
N ASN B 117 39.77 0.51 10.01
CA ASN B 117 38.54 1.19 9.60
C ASN B 117 38.54 1.34 8.07
N VAL B 118 37.39 1.15 7.44
CA VAL B 118 37.27 1.32 5.98
C VAL B 118 37.49 2.77 5.48
N LYS B 119 37.14 3.76 6.30
CA LYS B 119 37.39 5.17 5.93
C LYS B 119 38.87 5.43 5.64
N ASP B 120 39.75 4.86 6.47
CA ASP B 120 41.18 5.04 6.32
C ASP B 120 41.68 4.45 4.99
N LEU B 121 41.05 3.34 4.59
CA LEU B 121 41.42 2.69 3.35
C LEU B 121 40.99 3.60 2.20
N VAL B 122 39.76 4.10 2.26
CA VAL B 122 39.21 4.99 1.23
C VAL B 122 40.03 6.25 1.10
N ASP B 123 40.48 6.81 2.22
CA ASP B 123 41.32 8.03 2.21
C ASP B 123 42.69 7.79 1.58
N ALA B 124 43.28 6.62 1.80
CA ALA B 124 44.59 6.27 1.22
C ALA B 124 44.53 6.13 -0.30
N ILE B 125 43.46 5.50 -0.76
CA ILE B 125 43.15 5.39 -2.16
C ILE B 125 43.01 6.78 -2.79
N HIS B 126 42.22 7.64 -2.18
CA HIS B 126 42.02 9.01 -2.68
C HIS B 126 43.30 9.85 -2.55
N ALA B 127 44.16 9.55 -1.58
CA ALA B 127 45.44 10.27 -1.41
C ALA B 127 46.37 10.19 -2.64
N LYS B 128 46.34 9.06 -3.35
CA LYS B 128 47.14 8.85 -4.55
C LYS B 128 46.31 9.06 -5.83
N GLY B 129 45.08 9.56 -5.66
CA GLY B 129 44.24 10.02 -6.77
C GLY B 129 43.50 8.93 -7.51
N ARG B 130 43.36 7.77 -6.88
CA ARG B 130 42.56 6.68 -7.45
C ARG B 130 41.08 6.78 -7.00
N LEU B 131 40.28 5.92 -7.59
CA LEU B 131 38.85 5.84 -7.33
C LEU B 131 38.63 4.65 -6.41
N ALA B 132 37.66 4.77 -5.53
CA ALA B 132 37.29 3.69 -4.64
C ALA B 132 35.87 3.22 -4.92
N MET B 133 35.73 1.91 -5.09
CA MET B 133 34.46 1.21 -5.23
C MET B 133 34.14 0.44 -3.95
N ALA B 134 32.88 0.55 -3.51
CA ALA B 134 32.40 -0.10 -2.34
C ALA B 134 31.66 -1.37 -2.76
N ASP B 135 32.24 -2.52 -2.48
CA ASP B 135 31.50 -3.80 -2.63
C ASP B 135 30.61 -3.98 -1.39
N ILE B 136 29.28 -4.05 -1.59
CA ILE B 136 28.34 -4.15 -0.52
C ILE B 136 27.38 -5.33 -0.68
N SER B 137 26.59 -5.57 0.36
CA SER B 137 25.66 -6.70 0.35
C SER B 137 24.20 -6.32 0.71
N THR B 138 23.98 -5.10 1.21
CA THR B 138 22.65 -4.64 1.65
C THR B 138 22.48 -3.16 1.34
N LEU B 139 21.22 -2.74 1.37
CA LEU B 139 20.85 -1.36 1.12
CA LEU B 139 20.84 -1.37 1.11
C LEU B 139 21.62 -0.40 2.01
N GLU B 140 21.64 -0.70 3.31
CA GLU B 140 22.23 0.21 4.27
C GLU B 140 23.75 0.32 4.10
N GLU B 141 24.39 -0.79 3.79
CA GLU B 141 25.81 -0.75 3.41
C GLU B 141 26.09 0.21 2.25
N GLY B 142 25.19 0.24 1.26
CA GLY B 142 25.39 1.13 0.10
C GLY B 142 25.19 2.57 0.49
N ILE B 143 24.16 2.78 1.32
CA ILE B 143 23.82 4.08 1.76
C ILE B 143 25.00 4.63 2.56
N GLU B 144 25.56 3.81 3.45
CA GLU B 144 26.72 4.21 4.26
C GLU B 144 27.99 4.36 3.41
N ALA B 145 28.14 3.58 2.34
CA ALA B 145 29.33 3.70 1.47
C ALA B 145 29.50 5.12 0.97
N GLU B 146 28.38 5.70 0.56
CA GLU B 146 28.33 7.03 0.02
C GLU B 146 28.78 8.02 1.06
N LYS B 147 28.31 7.86 2.28
CA LYS B 147 28.67 8.75 3.39
C LYS B 147 30.16 8.66 3.69
N LEU B 148 30.71 7.46 3.57
CA LEU B 148 32.14 7.23 3.78
C LEU B 148 33.04 7.81 2.67
N GLY B 149 32.47 8.25 1.53
CA GLY B 149 33.25 8.91 0.45
C GLY B 149 33.60 8.08 -0.78
N PHE B 150 33.13 6.84 -0.85
CA PHE B 150 33.25 6.05 -2.04
C PHE B 150 32.77 6.76 -3.32
N ASP B 151 33.43 6.46 -4.43
CA ASP B 151 33.12 7.05 -5.70
C ASP B 151 31.99 6.32 -6.34
N CYS B 152 31.86 5.03 -6.02
CA CYS B 152 30.77 4.25 -6.59
C CYS B 152 30.50 3.06 -5.69
N VAL B 153 29.34 2.44 -5.86
CA VAL B 153 29.00 1.27 -5.06
C VAL B 153 28.63 0.10 -5.95
N SER B 154 28.87 -1.11 -5.47
CA SER B 154 28.58 -2.30 -6.25
CA SER B 154 28.56 -2.31 -6.24
C SER B 154 27.98 -3.40 -5.37
N THR B 155 27.04 -4.12 -5.93
CA THR B 155 26.28 -5.15 -5.27
C THR B 155 26.98 -6.50 -5.22
N THR B 156 28.31 -6.49 -5.35
CA THR B 156 29.18 -7.66 -5.40
C THR B 156 28.91 -8.74 -4.37
N LEU B 157 28.70 -8.27 -3.16
CA LEU B 157 28.60 -9.12 -2.01
C LEU B 157 27.17 -9.48 -1.57
N SER B 158 26.15 -8.95 -2.24
CA SER B 158 24.78 -9.40 -1.96
C SER B 158 24.62 -10.92 -2.18
N GLY B 159 24.14 -11.63 -1.17
CA GLY B 159 24.06 -13.10 -1.19
C GLY B 159 25.33 -13.79 -0.71
N TYR B 160 26.39 -13.02 -0.46
CA TYR B 160 27.70 -13.57 -0.04
C TYR B 160 28.06 -13.14 1.40
N THR B 161 27.08 -12.63 2.12
CA THR B 161 27.18 -12.38 3.53
C THR B 161 25.93 -13.05 4.10
N PRO B 162 25.99 -13.48 5.36
CA PRO B 162 24.94 -14.30 5.95
C PRO B 162 23.62 -13.55 6.20
N TYR B 163 23.71 -12.22 6.39
CA TYR B 163 22.55 -11.38 6.66
C TYR B 163 21.92 -10.75 5.40
N SER B 164 22.54 -10.90 4.23
CA SER B 164 22.01 -10.30 2.99
C SER B 164 21.05 -11.27 2.31
N LYS B 165 20.43 -10.82 1.20
CA LYS B 165 19.49 -11.69 0.49
C LYS B 165 20.19 -12.93 -0.04
N GLN B 166 19.71 -14.11 0.37
CA GLN B 166 20.23 -15.36 -0.16
C GLN B 166 19.56 -15.71 -1.48
N SER B 167 20.35 -15.87 -2.53
CA SER B 167 19.79 -16.07 -3.88
C SER B 167 20.82 -16.63 -4.87
N ASN B 168 20.33 -17.31 -5.93
CA ASN B 168 21.17 -17.80 -7.02
C ASN B 168 20.99 -16.99 -8.26
N SER B 169 20.19 -15.94 -8.19
CA SER B 169 20.05 -15.08 -9.34
C SER B 169 20.43 -13.65 -8.93
N VAL B 170 20.49 -12.78 -9.91
CA VAL B 170 20.94 -11.41 -9.66
C VAL B 170 20.02 -10.72 -8.67
N ASP B 171 20.59 -9.92 -7.79
CA ASP B 171 19.81 -9.09 -6.88
C ASP B 171 19.46 -7.77 -7.56
N PHE B 172 18.36 -7.81 -8.29
CA PHE B 172 17.78 -6.61 -8.91
C PHE B 172 17.11 -5.66 -7.91
N GLU B 173 16.55 -6.25 -6.85
CA GLU B 173 15.88 -5.47 -5.81
C GLU B 173 16.85 -4.49 -5.18
N LEU B 174 18.06 -4.98 -4.87
CA LEU B 174 19.06 -4.17 -4.22
C LEU B 174 19.44 -2.97 -5.08
N LEU B 175 19.59 -3.26 -6.37
CA LEU B 175 19.94 -2.31 -7.38
C LEU B 175 18.90 -1.17 -7.49
N GLU B 176 17.64 -1.56 -7.66
CA GLU B 176 16.52 -0.60 -7.66
C GLU B 176 16.51 0.32 -6.44
N GLU B 177 16.72 -0.29 -5.28
CA GLU B 177 16.64 0.42 -4.04
C GLU B 177 17.81 1.38 -3.85
N LEU B 178 19.00 0.96 -4.28
CA LEU B 178 20.19 1.81 -4.21
C LEU B 178 20.06 3.01 -5.13
N VAL B 179 19.66 2.74 -6.38
CA VAL B 179 19.38 3.77 -7.35
C VAL B 179 18.40 4.81 -6.84
N LYS B 180 17.46 4.43 -5.99
CA LYS B 180 16.54 5.42 -5.53
C LYS B 180 17.01 6.15 -4.24
N THR B 181 18.14 5.72 -3.63
CA THR B 181 18.62 6.30 -2.38
C THR B 181 20.01 6.91 -2.41
N VAL B 182 20.91 6.45 -3.28
CA VAL B 182 22.27 7.03 -3.34
C VAL B 182 22.47 7.76 -4.66
N LYS B 183 23.30 8.79 -4.64
CA LYS B 183 23.53 9.66 -5.79
C LYS B 183 24.72 9.19 -6.67
N ILE B 184 25.69 8.55 -6.03
CA ILE B 184 26.87 8.02 -6.71
C ILE B 184 26.52 6.79 -7.60
N PRO B 185 27.35 6.53 -8.63
CA PRO B 185 27.12 5.42 -9.54
C PRO B 185 26.89 4.06 -8.88
N VAL B 186 25.83 3.36 -9.26
CA VAL B 186 25.51 2.04 -8.69
C VAL B 186 25.77 0.96 -9.72
N ILE B 187 26.74 0.07 -9.44
CA ILE B 187 27.13 -0.97 -10.36
C ILE B 187 26.54 -2.33 -9.93
N CYS B 188 25.94 -3.03 -10.86
CA CYS B 188 25.35 -4.33 -10.59
C CYS B 188 26.42 -5.40 -10.83
N GLU B 189 26.74 -6.14 -9.78
CA GLU B 189 27.75 -7.16 -9.88
C GLU B 189 27.31 -8.40 -9.12
N GLY B 190 27.20 -9.54 -9.80
CA GLY B 190 26.88 -10.80 -9.12
C GLY B 190 25.80 -11.60 -9.81
N ARG B 191 26.20 -12.77 -10.31
CA ARG B 191 25.32 -13.81 -10.85
C ARG B 191 24.56 -13.40 -12.12
N ILE B 192 25.06 -12.38 -12.81
CA ILE B 192 24.54 -12.01 -14.15
C ILE B 192 24.96 -13.15 -15.07
N ASN B 193 23.99 -13.95 -15.51
CA ASN B 193 24.28 -15.14 -16.35
C ASN B 193 24.03 -14.88 -17.84
N THR B 194 23.02 -14.04 -18.12
CA THR B 194 22.50 -13.81 -19.49
C THR B 194 22.48 -12.34 -19.97
N PRO B 195 22.55 -12.15 -21.31
CA PRO B 195 22.45 -10.82 -21.90
C PRO B 195 21.14 -10.13 -21.45
N GLU B 196 20.07 -10.90 -21.33
CA GLU B 196 18.76 -10.34 -20.88
C GLU B 196 18.81 -9.75 -19.46
N GLU B 197 19.46 -10.44 -18.54
CA GLU B 197 19.63 -9.95 -17.17
C GLU B 197 20.54 -8.73 -17.17
N LEU B 198 21.58 -8.78 -18.00
CA LEU B 198 22.49 -7.65 -18.11
C LEU B 198 21.72 -6.40 -18.52
N LYS B 199 20.92 -6.55 -19.59
CA LYS B 199 20.01 -5.51 -20.08
C LYS B 199 19.04 -5.08 -18.99
N LYS B 200 18.43 -6.03 -18.29
CA LYS B 200 17.52 -5.67 -17.21
C LYS B 200 18.15 -4.78 -16.11
N ALA B 201 19.37 -5.09 -15.66
CA ALA B 201 20.10 -4.26 -14.67
C ALA B 201 20.33 -2.82 -15.15
N LEU B 202 20.69 -2.65 -16.43
CA LEU B 202 20.89 -1.30 -17.00
C LEU B 202 19.54 -0.61 -17.16
N ASP B 203 18.50 -1.37 -17.48
CA ASP B 203 17.17 -0.77 -17.56
C ASP B 203 16.70 -0.33 -16.20
N LEU B 204 17.13 -1.03 -15.14
CA LEU B 204 16.72 -0.62 -13.79
C LEU B 204 17.55 0.55 -13.20
N GLY B 205 18.44 1.17 -13.98
CA GLY B 205 19.23 2.34 -13.51
C GLY B 205 20.67 2.05 -13.04
N ALA B 206 21.10 0.79 -13.11
CA ALA B 206 22.54 0.49 -12.90
C ALA B 206 23.35 1.37 -13.81
N TYR B 207 24.40 1.97 -13.26
CA TYR B 207 25.24 2.84 -14.05
C TYR B 207 26.11 2.03 -15.01
N SER B 208 26.60 0.89 -14.51
CA SER B 208 27.29 -0.13 -15.31
C SER B 208 27.03 -1.51 -14.66
N ALA B 209 27.57 -2.55 -15.25
CA ALA B 209 27.48 -3.92 -14.68
C ALA B 209 28.79 -4.64 -14.93
N VAL B 210 29.09 -5.60 -14.04
CA VAL B 210 30.28 -6.42 -14.14
C VAL B 210 29.77 -7.85 -14.33
N VAL B 211 30.19 -8.51 -15.38
CA VAL B 211 29.97 -9.96 -15.53
C VAL B 211 31.29 -10.66 -15.42
N GLY B 212 31.35 -11.69 -14.55
CA GLY B 212 32.54 -12.48 -14.35
C GLY B 212 32.41 -13.91 -14.87
N GLY B 213 31.93 -14.77 -14.01
CA GLY B 213 31.89 -16.21 -14.27
C GLY B 213 31.32 -16.65 -15.59
N ALA B 214 30.16 -16.08 -15.94
CA ALA B 214 29.44 -16.38 -17.20
C ALA B 214 30.21 -16.06 -18.48
N ILE B 215 31.34 -15.38 -18.34
CA ILE B 215 32.26 -15.20 -19.45
C ILE B 215 33.61 -15.87 -19.25
N THR B 216 34.17 -15.69 -18.06
CA THR B 216 35.54 -16.09 -17.82
C THR B 216 35.73 -17.33 -16.92
N ARG B 217 34.64 -17.93 -16.42
CA ARG B 217 34.74 -19.23 -15.77
C ARG B 217 34.14 -20.39 -16.61
N PRO B 218 34.87 -20.88 -17.55
CA PRO B 218 34.31 -22.02 -18.31
C PRO B 218 33.74 -23.16 -17.45
N GLN B 219 34.38 -23.44 -16.30
CA GLN B 219 33.86 -24.51 -15.43
C GLN B 219 32.41 -24.28 -14.99
N GLN B 220 32.10 -23.04 -14.63
CA GLN B 220 30.78 -22.61 -14.19
C GLN B 220 29.85 -22.59 -15.41
N ILE B 221 30.34 -22.07 -16.52
CA ILE B 221 29.50 -22.02 -17.77
C ILE B 221 29.15 -23.47 -18.17
N THR B 222 30.13 -24.34 -18.12
CA THR B 222 29.95 -25.74 -18.47
C THR B 222 28.90 -26.37 -17.55
N LYS B 223 28.99 -26.06 -16.25
CA LYS B 223 28.08 -26.65 -15.24
C LYS B 223 26.63 -26.18 -15.42
N ARG B 224 26.43 -24.93 -15.80
CA ARG B 224 25.07 -24.48 -16.17
C ARG B 224 24.47 -25.31 -17.34
N PHE B 225 25.26 -25.57 -18.38
CA PHE B 225 24.84 -26.49 -19.44
C PHE B 225 24.54 -27.92 -18.96
N THR B 226 25.45 -28.54 -18.23
CA THR B 226 25.29 -29.95 -17.81
C THR B 226 24.23 -30.17 -16.72
N ASP B 227 24.00 -29.13 -15.93
CA ASP B 227 22.97 -29.14 -14.89
C ASP B 227 21.58 -29.33 -15.47
N ILE B 228 21.34 -28.81 -16.69
CA ILE B 228 20.03 -28.92 -17.30
C ILE B 228 19.72 -30.33 -17.85
N LEU B 229 20.72 -31.21 -17.92
CA LEU B 229 20.55 -32.55 -18.50
C LEU B 229 20.15 -33.62 -17.47
N GLY C 1 -32.23 -41.17 -16.16
CA GLY C 1 -32.44 -39.69 -15.98
C GLY C 1 -33.42 -39.39 -14.86
N SER C 2 -32.91 -39.19 -13.63
CA SER C 2 -33.74 -39.08 -12.41
C SER C 2 -33.28 -38.04 -11.40
N SER C 3 -34.23 -37.58 -10.58
CA SER C 3 -33.97 -36.62 -9.52
C SER C 3 -34.78 -36.99 -8.28
N HIS C 4 -34.44 -36.42 -7.13
CA HIS C 4 -35.21 -36.75 -5.93
C HIS C 4 -36.48 -35.90 -5.95
N HIS C 5 -37.52 -36.42 -5.31
CA HIS C 5 -38.87 -35.86 -5.40
C HIS C 5 -39.02 -34.80 -4.33
N HIS C 6 -39.64 -33.70 -4.70
CA HIS C 6 -40.01 -32.65 -3.76
C HIS C 6 -41.46 -32.78 -3.37
N HIS C 7 -41.79 -32.30 -2.17
CA HIS C 7 -43.16 -32.35 -1.69
C HIS C 7 -43.99 -31.23 -2.36
N HIS C 8 -43.44 -30.00 -2.35
CA HIS C 8 -44.09 -28.81 -2.88
C HIS C 8 -43.76 -28.62 -4.36
N HIS C 9 -44.75 -28.33 -5.19
CA HIS C 9 -44.46 -28.09 -6.59
C HIS C 9 -45.01 -26.77 -7.01
N MET C 10 -44.22 -26.04 -7.79
CA MET C 10 -44.57 -24.69 -8.23
CA MET C 10 -44.56 -24.69 -8.28
C MET C 10 -46.08 -24.47 -8.42
N LEU C 11 -46.72 -25.25 -9.31
CA LEU C 11 -48.11 -24.94 -9.69
C LEU C 11 -49.05 -25.13 -8.51
N ASP C 12 -48.82 -26.17 -7.71
CA ASP C 12 -49.58 -26.39 -6.48
C ASP C 12 -49.35 -25.26 -5.47
N VAL C 13 -48.13 -24.82 -5.35
CA VAL C 13 -47.78 -23.73 -4.42
C VAL C 13 -48.38 -22.37 -4.74
N VAL C 14 -48.54 -22.05 -6.01
CA VAL C 14 -49.16 -20.78 -6.40
C VAL C 14 -50.69 -20.83 -6.47
N LYS C 15 -51.28 -22.04 -6.54
CA LYS C 15 -52.72 -22.17 -6.70
C LYS C 15 -53.46 -21.40 -5.63
N GLY C 16 -54.32 -20.48 -6.03
CA GLY C 16 -55.11 -19.69 -5.09
C GLY C 16 -54.31 -18.58 -4.40
N ASN C 17 -53.02 -18.46 -4.74
CA ASN C 17 -52.08 -17.58 -4.01
C ASN C 17 -51.55 -16.47 -4.90
N LEU C 18 -50.87 -15.52 -4.31
CA LEU C 18 -50.31 -14.41 -5.03
C LEU C 18 -48.84 -14.67 -5.43
N ILE C 19 -48.52 -14.37 -6.69
CA ILE C 19 -47.16 -14.31 -7.20
C ILE C 19 -46.73 -12.81 -7.31
N VAL C 20 -45.59 -12.42 -6.76
CA VAL C 20 -45.16 -11.04 -6.89
C VAL C 20 -43.98 -10.93 -7.89
N SER C 21 -44.17 -10.05 -8.88
CA SER C 21 -43.16 -9.63 -9.85
C SER C 21 -42.33 -8.45 -9.27
N CYS C 22 -41.03 -8.74 -9.20
CA CYS C 22 -40.00 -7.90 -8.58
C CYS C 22 -38.97 -7.62 -9.67
N GLN C 23 -39.33 -6.66 -10.55
CA GLN C 23 -38.54 -6.31 -11.73
CA GLN C 23 -38.51 -6.29 -11.69
C GLN C 23 -38.25 -4.78 -11.69
N ALA C 24 -37.03 -4.41 -12.06
CA ALA C 24 -36.62 -3.03 -12.23
C ALA C 24 -35.53 -3.04 -13.30
N LEU C 25 -35.92 -2.62 -14.50
CA LEU C 25 -35.03 -2.56 -15.64
C LEU C 25 -34.19 -1.29 -15.47
N SER C 26 -33.23 -1.08 -16.38
CA SER C 26 -32.12 -0.17 -16.17
C SER C 26 -32.51 1.30 -16.11
N ASP C 27 -33.69 1.64 -16.63
CA ASP C 27 -34.19 3.02 -16.56
C ASP C 27 -34.99 3.28 -15.29
N GLU C 28 -35.16 2.27 -14.41
CA GLU C 28 -36.05 2.43 -13.24
C GLU C 28 -35.27 2.69 -11.96
N PRO C 29 -35.91 3.34 -10.95
CA PRO C 29 -35.20 3.75 -9.74
C PRO C 29 -34.61 2.63 -8.90
N LEU C 30 -35.30 1.49 -8.84
CA LEU C 30 -34.80 0.38 -8.03
C LEU C 30 -33.93 -0.60 -8.75
N HIS C 31 -33.52 -0.33 -10.00
CA HIS C 31 -32.59 -1.20 -10.75
C HIS C 31 -31.35 -1.55 -9.89
N SER C 32 -31.28 -2.84 -9.55
CA SER C 32 -30.26 -3.41 -8.63
C SER C 32 -30.68 -4.81 -8.23
N SER C 33 -29.79 -5.76 -8.41
CA SER C 33 -30.06 -7.13 -8.00
C SER C 33 -30.22 -7.20 -6.45
N PHE C 34 -29.40 -6.46 -5.72
CA PHE C 34 -29.47 -6.41 -4.24
C PHE C 34 -30.86 -5.93 -3.86
N ILE C 35 -31.29 -4.85 -4.49
CA ILE C 35 -32.59 -4.30 -4.17
C ILE C 35 -33.75 -5.21 -4.53
N MET C 36 -33.74 -5.83 -5.71
CA MET C 36 -34.79 -6.78 -6.03
C MET C 36 -34.83 -7.95 -5.03
N GLY C 37 -33.68 -8.38 -4.51
CA GLY C 37 -33.59 -9.42 -3.47
C GLY C 37 -34.36 -9.03 -2.23
N ARG C 38 -34.13 -7.79 -1.79
CA ARG C 38 -34.75 -7.18 -0.62
C ARG C 38 -36.26 -7.02 -0.85
N MET C 39 -36.67 -6.51 -2.03
CA MET C 39 -38.07 -6.48 -2.42
C MET C 39 -38.74 -7.91 -2.34
N ALA C 40 -38.06 -8.91 -2.84
CA ALA C 40 -38.56 -10.30 -2.79
C ALA C 40 -38.64 -10.80 -1.37
N ILE C 41 -37.73 -10.37 -0.51
CA ILE C 41 -37.81 -10.73 0.89
C ILE C 41 -39.07 -10.12 1.51
N ALA C 42 -39.29 -8.83 1.29
CA ALA C 42 -40.51 -8.15 1.72
C ALA C 42 -41.75 -8.87 1.21
N ALA C 43 -41.75 -9.22 -0.07
CA ALA C 43 -42.90 -9.89 -0.72
C ALA C 43 -43.19 -11.25 -0.06
N LYS C 44 -42.13 -12.02 0.14
CA LYS C 44 -42.19 -13.29 0.85
C LYS C 44 -42.79 -13.15 2.25
N GLN C 45 -42.36 -12.10 2.98
CA GLN C 45 -42.80 -11.87 4.35
C GLN C 45 -44.23 -11.36 4.41
N GLY C 46 -44.70 -10.80 3.30
CA GLY C 46 -46.10 -10.45 3.13
C GLY C 46 -47.03 -11.55 2.62
N GLY C 47 -46.52 -12.79 2.49
CA GLY C 47 -47.32 -13.95 1.99
C GLY C 47 -47.26 -14.34 0.51
N ALA C 48 -46.32 -13.80 -0.26
CA ALA C 48 -46.23 -14.17 -1.68
C ALA C 48 -45.79 -15.64 -1.76
N ALA C 49 -46.40 -16.39 -2.68
CA ALA C 49 -46.10 -17.83 -2.81
C ALA C 49 -44.93 -18.08 -3.79
N ALA C 50 -44.73 -17.17 -4.75
CA ALA C 50 -43.62 -17.24 -5.71
C ALA C 50 -43.20 -15.83 -6.20
N ILE C 51 -42.06 -15.74 -6.87
CA ILE C 51 -41.56 -14.46 -7.41
C ILE C 51 -41.38 -14.59 -8.92
N ARG C 52 -41.82 -13.58 -9.68
CA ARG C 52 -41.40 -13.38 -11.10
C ARG C 52 -40.28 -12.33 -11.20
N ALA C 53 -39.18 -12.70 -11.85
CA ALA C 53 -38.02 -11.85 -11.85
C ALA C 53 -37.38 -11.85 -13.22
N GLN C 54 -36.73 -10.74 -13.55
CA GLN C 54 -36.16 -10.52 -14.86
C GLN C 54 -34.65 -10.53 -14.77
N GLY C 55 -34.03 -11.40 -15.56
CA GLY C 55 -32.60 -11.42 -15.73
C GLY C 55 -31.88 -12.31 -14.73
N VAL C 56 -30.79 -12.91 -15.20
CA VAL C 56 -29.99 -13.89 -14.47
C VAL C 56 -29.50 -13.32 -13.13
N ASN C 57 -29.01 -12.08 -13.13
CA ASN C 57 -28.53 -11.48 -11.91
C ASN C 57 -29.62 -11.34 -10.87
N ASP C 58 -30.78 -10.81 -11.28
CA ASP C 58 -31.87 -10.65 -10.36
C ASP C 58 -32.38 -12.00 -9.90
N ILE C 59 -32.58 -12.93 -10.84
CA ILE C 59 -33.08 -14.26 -10.47
C ILE C 59 -32.19 -14.93 -9.40
N ASN C 60 -30.87 -14.93 -9.61
CA ASN C 60 -29.93 -15.64 -8.73
C ASN C 60 -29.93 -15.04 -7.33
N GLU C 61 -29.93 -13.72 -7.26
CA GLU C 61 -29.93 -13.05 -5.99
C GLU C 61 -31.18 -13.38 -5.24
N ILE C 62 -32.31 -13.31 -5.94
CA ILE C 62 -33.62 -13.58 -5.36
C ILE C 62 -33.74 -15.02 -4.86
N LYS C 63 -33.18 -15.99 -5.60
CA LYS C 63 -33.27 -17.34 -5.17
C LYS C 63 -32.36 -17.44 -3.92
N GLU C 64 -31.14 -16.92 -3.98
CA GLU C 64 -30.26 -17.01 -2.82
C GLU C 64 -30.92 -16.47 -1.53
N VAL C 65 -31.63 -15.33 -1.60
CA VAL C 65 -32.02 -14.64 -0.37
C VAL C 65 -33.45 -14.94 0.07
N THR C 66 -34.30 -15.50 -0.84
CA THR C 66 -35.66 -15.94 -0.48
C THR C 66 -35.94 -17.50 -0.56
N LYS C 67 -35.21 -18.26 -1.35
CA LYS C 67 -35.52 -19.70 -1.53
C LYS C 67 -36.90 -20.00 -2.16
N LEU C 68 -37.56 -18.98 -2.68
CA LEU C 68 -38.93 -19.07 -3.16
C LEU C 68 -38.92 -19.66 -4.57
N PRO C 69 -40.05 -20.25 -5.00
CA PRO C 69 -40.10 -20.57 -6.44
C PRO C 69 -40.09 -19.33 -7.28
N ILE C 70 -39.41 -19.42 -8.41
CA ILE C 70 -39.23 -18.29 -9.32
C ILE C 70 -39.67 -18.57 -10.77
N ILE C 71 -40.49 -17.68 -11.32
CA ILE C 71 -40.73 -17.57 -12.74
C ILE C 71 -39.70 -16.60 -13.26
N GLY C 72 -38.82 -17.10 -14.13
CA GLY C 72 -37.79 -16.27 -14.75
C GLY C 72 -38.08 -15.91 -16.20
N ILE C 73 -37.79 -14.65 -16.55
CA ILE C 73 -37.73 -14.22 -17.94
C ILE C 73 -36.49 -13.39 -18.17
N ILE C 74 -36.14 -13.21 -19.44
CA ILE C 74 -35.21 -12.15 -19.86
C ILE C 74 -35.96 -11.23 -20.85
N LYS C 75 -35.92 -9.92 -20.60
CA LYS C 75 -36.48 -8.97 -21.54
C LYS C 75 -35.34 -8.41 -22.31
N ARG C 76 -35.42 -8.55 -23.64
CA ARG C 76 -34.33 -8.14 -24.54
C ARG C 76 -34.91 -7.82 -25.93
N ASN C 77 -34.62 -6.60 -26.40
CA ASN C 77 -35.06 -6.14 -27.72
C ASN C 77 -34.20 -6.81 -28.79
N TYR C 78 -34.82 -7.17 -29.91
CA TYR C 78 -34.10 -7.58 -31.13
C TYR C 78 -34.63 -6.69 -32.26
N ASP C 79 -33.81 -6.40 -33.27
CA ASP C 79 -34.24 -5.43 -34.30
C ASP C 79 -35.12 -6.08 -35.37
N ASP C 80 -35.31 -7.40 -35.30
CA ASP C 80 -36.12 -8.11 -36.30
C ASP C 80 -37.42 -8.71 -35.72
N SER C 81 -37.85 -8.25 -34.54
CA SER C 81 -39.09 -8.74 -33.92
C SER C 81 -39.61 -7.74 -32.91
N GLU C 82 -40.92 -7.69 -32.71
CA GLU C 82 -41.56 -6.87 -31.65
C GLU C 82 -41.53 -7.55 -30.26
N ILE C 83 -41.31 -8.85 -30.25
CA ILE C 83 -41.27 -9.64 -29.04
C ILE C 83 -39.98 -9.32 -28.21
N TYR C 84 -40.15 -9.13 -26.90
CA TYR C 84 -39.01 -8.91 -25.97
C TYR C 84 -38.98 -9.86 -24.77
N ILE C 85 -40.10 -10.49 -24.42
CA ILE C 85 -40.09 -11.38 -23.30
C ILE C 85 -39.58 -12.76 -23.74
N THR C 86 -38.34 -13.03 -23.37
CA THR C 86 -37.65 -14.31 -23.63
C THR C 86 -37.81 -14.70 -25.12
N PRO C 87 -37.20 -13.92 -26.04
CA PRO C 87 -37.63 -14.07 -27.44
C PRO C 87 -37.02 -15.24 -28.20
N THR C 88 -35.81 -15.66 -27.82
CA THR C 88 -35.05 -16.66 -28.58
C THR C 88 -34.47 -17.69 -27.62
N MET C 89 -33.86 -18.74 -28.20
CA MET C 89 -33.21 -19.82 -27.44
C MET C 89 -32.02 -19.33 -26.63
N LYS C 90 -31.39 -18.24 -27.08
CA LYS C 90 -30.32 -17.60 -26.30
C LYS C 90 -30.78 -17.31 -24.87
N GLU C 91 -31.94 -16.71 -24.75
CA GLU C 91 -32.47 -16.32 -23.44
C GLU C 91 -32.97 -17.52 -22.68
N VAL C 92 -33.63 -18.45 -23.37
CA VAL C 92 -33.99 -19.72 -22.75
C VAL C 92 -32.75 -20.38 -22.12
N ASP C 93 -31.64 -20.45 -22.84
CA ASP C 93 -30.44 -21.11 -22.33
C ASP C 93 -29.80 -20.36 -21.14
N GLU C 94 -29.69 -19.04 -21.23
CA GLU C 94 -29.26 -18.22 -20.10
C GLU C 94 -30.16 -18.43 -18.85
N LEU C 95 -31.47 -18.48 -19.02
CA LEU C 95 -32.36 -18.83 -17.92
C LEU C 95 -32.20 -20.23 -17.37
N LEU C 96 -31.85 -21.20 -18.22
CA LEU C 96 -31.62 -22.55 -17.74
C LEU C 96 -30.31 -22.68 -16.91
N LYS C 97 -29.33 -21.79 -17.12
CA LYS C 97 -28.22 -21.58 -16.17
C LYS C 97 -28.68 -21.19 -14.74
N THR C 98 -29.86 -20.57 -14.56
CA THR C 98 -30.32 -20.23 -13.21
C THR C 98 -31.08 -21.42 -12.65
N ASP C 99 -31.45 -21.35 -11.37
CA ASP C 99 -32.24 -22.44 -10.81
C ASP C 99 -33.76 -22.28 -10.95
N CYS C 100 -34.24 -21.36 -11.78
CA CYS C 100 -35.66 -20.99 -11.77
C CYS C 100 -36.55 -22.08 -12.33
N GLU C 101 -37.59 -22.40 -11.57
CA GLU C 101 -38.39 -23.60 -11.74
C GLU C 101 -39.31 -23.48 -12.94
N MET C 102 -39.62 -22.22 -13.26
CA MET C 102 -40.51 -21.87 -14.36
CA MET C 102 -40.45 -21.92 -14.41
C MET C 102 -39.89 -20.74 -15.18
N ILE C 103 -40.05 -20.83 -16.50
CA ILE C 103 -39.62 -19.82 -17.42
C ILE C 103 -40.88 -19.37 -18.19
N ALA C 104 -41.07 -18.04 -18.22
CA ALA C 104 -42.15 -17.40 -18.98
C ALA C 104 -41.55 -16.86 -20.24
N LEU C 105 -42.34 -16.89 -21.31
CA LEU C 105 -41.96 -16.30 -22.57
C LEU C 105 -43.18 -15.79 -23.33
N ASP C 106 -42.95 -14.73 -24.11
CA ASP C 106 -43.94 -14.22 -25.09
C ASP C 106 -44.41 -15.41 -25.93
N ALA C 107 -45.70 -15.68 -25.88
CA ALA C 107 -46.28 -16.71 -26.70
C ALA C 107 -47.35 -16.09 -27.60
N THR C 108 -47.08 -14.87 -28.07
CA THR C 108 -47.98 -14.24 -29.04
C THR C 108 -47.86 -14.90 -30.42
N LYS C 109 -48.76 -14.50 -31.31
CA LYS C 109 -48.80 -15.05 -32.66
C LYS C 109 -47.70 -14.52 -33.57
N ARG C 110 -46.89 -13.61 -33.05
CA ARG C 110 -45.97 -12.83 -33.84
C ARG C 110 -44.66 -13.52 -34.13
N LYS C 111 -43.98 -13.06 -35.19
CA LYS C 111 -42.64 -13.54 -35.54
C LYS C 111 -41.56 -13.13 -34.52
N ARG C 112 -40.71 -14.10 -34.23
CA ARG C 112 -39.64 -14.00 -33.25
C ARG C 112 -38.35 -13.62 -33.94
N PRO C 113 -37.33 -13.22 -33.15
CA PRO C 113 -36.07 -12.90 -33.83
C PRO C 113 -35.53 -14.13 -34.55
N ASN C 114 -34.84 -13.92 -35.70
CA ASN C 114 -34.14 -15.01 -36.39
C ASN C 114 -35.12 -16.10 -36.86
N GLY C 115 -36.41 -15.73 -36.88
CA GLY C 115 -37.50 -16.60 -37.27
C GLY C 115 -37.67 -17.86 -36.45
N GLU C 116 -37.27 -17.84 -35.16
CA GLU C 116 -37.38 -19.03 -34.31
C GLU C 116 -38.83 -19.26 -33.90
N ASN C 117 -39.18 -20.51 -33.62
CA ASN C 117 -40.55 -20.90 -33.25
CA ASN C 117 -40.56 -20.75 -33.22
C ASN C 117 -40.67 -21.08 -31.73
N VAL C 118 -41.85 -20.80 -31.18
CA VAL C 118 -42.12 -20.99 -29.76
C VAL C 118 -42.03 -22.49 -29.35
N LYS C 119 -42.42 -23.40 -30.23
CA LYS C 119 -42.40 -24.84 -29.90
C LYS C 119 -41.04 -25.31 -29.44
N ASP C 120 -40.02 -24.90 -30.18
CA ASP C 120 -38.65 -25.28 -29.89
C ASP C 120 -38.18 -24.75 -28.53
N LEU C 121 -38.63 -23.54 -28.16
CA LEU C 121 -38.30 -22.96 -26.87
C LEU C 121 -38.99 -23.73 -25.76
N VAL C 122 -40.28 -23.98 -25.95
CA VAL C 122 -41.04 -24.81 -25.02
C VAL C 122 -40.38 -26.18 -24.86
N ASP C 123 -39.96 -26.79 -25.96
CA ASP C 123 -39.40 -28.15 -25.88
C ASP C 123 -38.01 -28.18 -25.20
N ALA C 124 -37.22 -27.14 -25.41
CA ALA C 124 -35.93 -27.00 -24.73
C ALA C 124 -36.12 -26.85 -23.21
N ILE C 125 -37.06 -25.98 -22.82
CA ILE C 125 -37.45 -25.84 -21.41
C ILE C 125 -37.84 -27.20 -20.82
N HIS C 126 -38.71 -27.94 -21.49
CA HIS C 126 -39.07 -29.27 -21.00
C HIS C 126 -37.92 -30.31 -20.95
N ALA C 127 -36.98 -30.31 -21.91
CA ALA C 127 -35.82 -31.20 -21.87
C ALA C 127 -35.04 -31.16 -20.54
N LYS C 128 -34.93 -29.96 -19.97
CA LYS C 128 -34.25 -29.80 -18.68
C LYS C 128 -35.21 -29.94 -17.49
N GLY C 129 -36.44 -30.40 -17.71
CA GLY C 129 -37.39 -30.63 -16.60
C GLY C 129 -37.97 -29.42 -15.89
N ARG C 130 -37.86 -28.23 -16.51
CA ARG C 130 -38.51 -27.01 -16.02
C ARG C 130 -39.93 -26.89 -16.58
N LEU C 131 -40.64 -25.87 -16.12
CA LEU C 131 -42.00 -25.56 -16.58
C LEU C 131 -41.99 -24.31 -17.46
N ALA C 132 -43.02 -24.20 -18.32
CA ALA C 132 -43.14 -23.17 -19.34
C ALA C 132 -44.49 -22.46 -19.24
N MET C 133 -44.39 -21.14 -19.04
CA MET C 133 -45.52 -20.24 -18.95
C MET C 133 -45.59 -19.38 -20.21
N ALA C 134 -46.79 -19.27 -20.73
CA ALA C 134 -47.06 -18.62 -22.00
C ALA C 134 -47.63 -17.25 -21.70
N ASP C 135 -46.85 -16.21 -21.94
CA ASP C 135 -47.35 -14.84 -21.79
C ASP C 135 -48.13 -14.52 -23.08
N ILE C 136 -49.45 -14.37 -22.98
CA ILE C 136 -50.35 -14.10 -24.14
C ILE C 136 -51.13 -12.80 -24.09
N SER C 137 -51.71 -12.44 -25.24
CA SER C 137 -52.48 -11.18 -25.35
C SER C 137 -53.93 -11.37 -25.75
N THR C 138 -54.29 -12.57 -26.21
CA THR C 138 -55.60 -12.83 -26.75
C THR C 138 -56.01 -14.29 -26.49
N LEU C 139 -57.31 -14.52 -26.58
CA LEU C 139 -57.89 -15.82 -26.32
C LEU C 139 -57.29 -16.89 -27.23
N GLU C 140 -57.12 -16.55 -28.51
CA GLU C 140 -56.64 -17.50 -29.49
C GLU C 140 -55.20 -17.85 -29.21
N GLU C 141 -54.41 -16.86 -28.80
CA GLU C 141 -53.02 -17.10 -28.36
C GLU C 141 -52.91 -18.11 -27.21
N GLY C 142 -53.82 -17.94 -26.22
CA GLY C 142 -53.91 -18.82 -25.08
C GLY C 142 -54.30 -20.26 -25.47
N ILE C 143 -55.24 -20.41 -26.37
CA ILE C 143 -55.66 -21.74 -26.86
C ILE C 143 -54.53 -22.42 -27.67
N GLU C 144 -53.75 -21.62 -28.42
CA GLU C 144 -52.62 -22.21 -29.17
C GLU C 144 -51.56 -22.61 -28.18
N ALA C 145 -51.28 -21.73 -27.20
CA ALA C 145 -50.32 -22.02 -26.13
C ALA C 145 -50.52 -23.39 -25.52
N GLU C 146 -51.77 -23.72 -25.18
CA GLU C 146 -52.10 -25.01 -24.62
C GLU C 146 -51.80 -26.11 -25.63
N LYS C 147 -52.11 -25.86 -26.89
CA LYS C 147 -51.87 -26.85 -27.94
C LYS C 147 -50.38 -27.15 -28.02
N LEU C 148 -49.56 -26.13 -27.79
CA LEU C 148 -48.09 -26.28 -27.87
C LEU C 148 -47.51 -26.95 -26.60
N GLY C 149 -48.35 -27.28 -25.62
CA GLY C 149 -47.90 -27.95 -24.41
C GLY C 149 -47.32 -27.08 -23.32
N PHE C 150 -47.63 -25.78 -23.35
CA PHE C 150 -47.27 -24.91 -22.25
C PHE C 150 -47.93 -25.48 -21.01
N ASP C 151 -47.27 -25.35 -19.88
CA ASP C 151 -47.78 -25.85 -18.61
C ASP C 151 -48.76 -24.86 -18.00
N CYS C 152 -48.58 -23.56 -18.26
CA CYS C 152 -49.61 -22.58 -17.93
C CYS C 152 -49.65 -21.42 -18.92
N VAL C 153 -50.75 -20.65 -18.87
CA VAL C 153 -50.89 -19.43 -19.66
CA VAL C 153 -50.90 -19.43 -19.66
C VAL C 153 -51.03 -18.22 -18.75
N SER C 154 -50.58 -17.05 -19.22
CA SER C 154 -50.67 -15.80 -18.44
C SER C 154 -51.15 -14.65 -19.31
N THR C 155 -51.96 -13.77 -18.75
CA THR C 155 -52.61 -12.72 -19.53
C THR C 155 -51.73 -11.46 -19.58
N THR C 156 -50.45 -11.68 -19.33
CA THR C 156 -49.41 -10.66 -19.19
C THR C 156 -49.38 -9.58 -20.25
N LEU C 157 -49.54 -10.01 -21.49
CA LEU C 157 -49.41 -9.14 -22.63
C LEU C 157 -50.72 -8.65 -23.23
N SER C 158 -51.84 -8.88 -22.56
CA SER C 158 -53.12 -8.27 -22.98
C SER C 158 -53.03 -6.73 -22.81
N GLY C 159 -53.14 -6.02 -23.93
CA GLY C 159 -53.05 -4.56 -23.93
C GLY C 159 -51.65 -4.06 -24.23
N TYR C 160 -50.72 -4.99 -24.41
CA TYR C 160 -49.32 -4.67 -24.77
C TYR C 160 -48.98 -5.30 -26.14
N THR C 161 -50.00 -5.56 -26.95
CA THR C 161 -49.80 -5.88 -28.36
C THR C 161 -50.87 -5.07 -29.08
N PRO C 162 -50.64 -4.75 -30.36
CA PRO C 162 -51.58 -3.85 -31.08
C PRO C 162 -52.98 -4.42 -31.33
N TYR C 163 -53.08 -5.75 -31.52
CA TYR C 163 -54.35 -6.41 -31.92
C TYR C 163 -55.17 -6.91 -30.75
N SER C 164 -54.65 -6.77 -29.54
CA SER C 164 -55.31 -7.18 -28.31
C SER C 164 -56.02 -5.97 -27.72
N LYS C 165 -56.81 -6.19 -26.68
CA LYS C 165 -57.69 -5.13 -26.13
C LYS C 165 -56.86 -4.07 -25.44
N GLN C 166 -57.11 -2.82 -25.81
CA GLN C 166 -56.43 -1.69 -25.21
C GLN C 166 -57.19 -1.31 -23.93
N SER C 167 -56.49 -1.29 -22.81
CA SER C 167 -57.10 -0.94 -21.53
C SER C 167 -56.04 -0.48 -20.56
N ASN C 168 -56.40 0.45 -19.68
CA ASN C 168 -55.53 0.78 -18.53
C ASN C 168 -55.89 0.04 -17.24
N SER C 169 -56.64 -1.04 -17.33
CA SER C 169 -57.01 -1.78 -16.14
C SER C 169 -57.08 -3.28 -16.46
N VAL C 170 -57.31 -4.11 -15.46
CA VAL C 170 -57.19 -5.54 -15.68
C VAL C 170 -58.09 -6.07 -16.77
N ASP C 171 -57.54 -6.92 -17.63
CA ASP C 171 -58.37 -7.59 -18.59
C ASP C 171 -59.05 -8.82 -17.96
N PHE C 172 -60.19 -8.56 -17.31
CA PHE C 172 -61.02 -9.60 -16.71
C PHE C 172 -61.74 -10.45 -17.73
N GLU C 173 -62.19 -9.79 -18.79
CA GLU C 173 -62.80 -10.42 -19.96
C GLU C 173 -61.97 -11.55 -20.58
N LEU C 174 -60.72 -11.24 -20.93
CA LEU C 174 -59.79 -12.25 -21.46
C LEU C 174 -59.62 -13.47 -20.52
N LEU C 175 -59.52 -13.17 -19.22
CA LEU C 175 -59.44 -14.17 -18.16
C LEU C 175 -60.63 -15.13 -18.13
N GLU C 176 -61.85 -14.56 -18.21
CA GLU C 176 -63.08 -15.35 -18.12
C GLU C 176 -63.16 -16.28 -19.32
N GLU C 177 -62.89 -15.71 -20.49
CA GLU C 177 -62.92 -16.46 -21.73
C GLU C 177 -61.90 -17.59 -21.75
N LEU C 178 -60.69 -17.34 -21.24
CA LEU C 178 -59.62 -18.35 -21.20
C LEU C 178 -59.94 -19.49 -20.27
N VAL C 179 -60.39 -19.15 -19.05
CA VAL C 179 -60.75 -20.14 -18.04
C VAL C 179 -61.76 -21.18 -18.53
N LYS C 180 -62.80 -20.71 -19.24
CA LYS C 180 -63.86 -21.53 -19.83
C LYS C 180 -63.37 -22.49 -20.94
N THR C 181 -62.32 -22.08 -21.65
CA THR C 181 -61.85 -22.72 -22.89
C THR C 181 -60.67 -23.68 -22.64
N VAL C 182 -59.64 -23.20 -21.96
CA VAL C 182 -58.42 -23.99 -21.74
C VAL C 182 -58.42 -24.79 -20.40
N LYS C 183 -57.77 -25.94 -20.41
CA LYS C 183 -57.69 -26.79 -19.22
C LYS C 183 -56.47 -26.53 -18.32
N ILE C 184 -55.38 -26.06 -18.89
CA ILE C 184 -54.20 -25.73 -18.09
C ILE C 184 -54.44 -24.47 -17.23
N PRO C 185 -53.62 -24.26 -16.18
CA PRO C 185 -53.75 -23.07 -15.34
C PRO C 185 -53.71 -21.73 -16.08
N VAL C 186 -54.69 -20.87 -15.79
CA VAL C 186 -54.75 -19.52 -16.34
C VAL C 186 -54.43 -18.51 -15.23
N ILE C 187 -53.41 -17.72 -15.45
CA ILE C 187 -52.89 -16.82 -14.40
C ILE C 187 -53.14 -15.41 -14.87
N CYS C 188 -53.79 -14.61 -14.05
CA CYS C 188 -54.09 -13.23 -14.41
C CYS C 188 -52.82 -12.40 -14.13
N GLU C 189 -52.33 -11.75 -15.16
CA GLU C 189 -51.17 -10.88 -14.99
C GLU C 189 -51.31 -9.63 -15.81
N GLY C 190 -51.22 -8.48 -15.15
CA GLY C 190 -51.23 -7.21 -15.88
C GLY C 190 -52.19 -6.23 -15.19
N ARG C 191 -51.63 -5.11 -14.73
CA ARG C 191 -52.40 -3.94 -14.31
C ARG C 191 -53.35 -4.16 -13.13
N ILE C 192 -53.09 -5.18 -12.32
CA ILE C 192 -53.80 -5.39 -11.08
C ILE C 192 -53.28 -4.35 -10.10
N ASN C 193 -54.15 -3.48 -9.58
CA ASN C 193 -53.72 -2.40 -8.65
C ASN C 193 -54.25 -2.54 -7.23
N THR C 194 -55.45 -3.12 -7.08
CA THR C 194 -56.11 -3.27 -5.79
C THR C 194 -56.33 -4.74 -5.38
N PRO C 195 -56.34 -5.00 -4.04
CA PRO C 195 -56.77 -6.30 -3.49
C PRO C 195 -58.14 -6.78 -4.03
N GLU C 196 -59.06 -5.85 -4.13
CA GLU C 196 -60.39 -6.14 -4.69
C GLU C 196 -60.30 -6.74 -6.12
N GLU C 197 -59.46 -6.14 -6.96
CA GLU C 197 -59.22 -6.69 -8.31
C GLU C 197 -58.60 -8.07 -8.28
N LEU C 198 -57.73 -8.30 -7.29
CA LEU C 198 -57.02 -9.56 -7.17
C LEU C 198 -58.02 -10.64 -6.82
N LYS C 199 -58.86 -10.35 -5.84
CA LYS C 199 -59.90 -11.27 -5.42
C LYS C 199 -60.85 -11.57 -6.61
N LYS C 200 -61.26 -10.52 -7.32
CA LYS C 200 -62.08 -10.70 -8.53
C LYS C 200 -61.50 -11.68 -9.55
N ALA C 201 -60.20 -11.52 -9.85
CA ALA C 201 -59.49 -12.34 -10.81
C ALA C 201 -59.56 -13.77 -10.34
N LEU C 202 -59.32 -13.97 -9.05
CA LEU C 202 -59.39 -15.30 -8.49
C LEU C 202 -60.82 -15.80 -8.47
N ASP C 203 -61.74 -14.94 -8.05
CA ASP C 203 -63.16 -15.27 -8.11
C ASP C 203 -63.64 -15.66 -9.53
N LEU C 204 -63.02 -15.11 -10.57
CA LEU C 204 -63.39 -15.47 -11.95
C LEU C 204 -62.75 -16.77 -12.47
N GLY C 205 -62.01 -17.46 -11.60
CA GLY C 205 -61.40 -18.76 -11.92
C GLY C 205 -59.91 -18.76 -12.23
N ALA C 206 -59.26 -17.59 -12.14
CA ALA C 206 -57.81 -17.54 -12.27
C ALA C 206 -57.14 -18.53 -11.29
N TYR C 207 -56.15 -19.30 -11.77
CA TYR C 207 -55.48 -20.34 -10.96
C TYR C 207 -54.64 -19.68 -9.91
N SER C 208 -53.98 -18.59 -10.33
CA SER C 208 -53.21 -17.71 -9.44
C SER C 208 -53.13 -16.36 -10.12
N ALA C 209 -52.42 -15.40 -9.54
CA ALA C 209 -52.30 -14.08 -10.17
C ALA C 209 -50.95 -13.47 -9.85
N VAL C 210 -50.46 -12.65 -10.77
CA VAL C 210 -49.21 -11.95 -10.57
C VAL C 210 -49.50 -10.46 -10.41
N VAL C 211 -48.85 -9.85 -9.41
CA VAL C 211 -48.87 -8.38 -9.19
C VAL C 211 -47.42 -7.91 -9.17
N GLY C 212 -47.10 -6.98 -10.07
CA GLY C 212 -45.81 -6.36 -10.09
C GLY C 212 -45.83 -4.95 -9.56
N GLY C 213 -46.11 -3.99 -10.44
CA GLY C 213 -45.90 -2.57 -10.16
C GLY C 213 -46.54 -2.04 -8.88
N ALA C 214 -47.79 -2.47 -8.63
CA ALA C 214 -48.60 -2.04 -7.48
C ALA C 214 -47.98 -2.42 -6.12
N ILE C 215 -46.94 -3.26 -6.14
CA ILE C 215 -46.14 -3.63 -4.97
C ILE C 215 -44.70 -3.14 -5.08
N THR C 216 -44.09 -3.35 -6.23
CA THR C 216 -42.63 -3.21 -6.36
C THR C 216 -42.16 -2.05 -7.23
N ARG C 217 -43.09 -1.24 -7.76
CA ARG C 217 -42.71 -0.01 -8.49
C ARG C 217 -43.24 1.23 -7.74
N PRO C 218 -42.51 1.68 -6.72
CA PRO C 218 -42.97 2.83 -5.95
C PRO C 218 -43.26 4.06 -6.80
N GLN C 219 -42.63 4.23 -7.95
CA GLN C 219 -42.89 5.36 -8.82
C GLN C 219 -44.30 5.33 -9.41
N GLN C 220 -44.76 4.14 -9.75
CA GLN C 220 -46.10 3.96 -10.29
C GLN C 220 -47.11 4.06 -9.17
N ILE C 221 -46.78 3.52 -8.00
CA ILE C 221 -47.66 3.60 -6.83
C ILE C 221 -47.85 5.08 -6.49
N THR C 222 -46.74 5.81 -6.33
CA THR C 222 -46.77 7.24 -6.08
C THR C 222 -47.62 7.98 -7.14
N LYS C 223 -47.39 7.69 -8.43
CA LYS C 223 -48.11 8.36 -9.49
C LYS C 223 -49.63 8.21 -9.33
N ARG C 224 -50.10 6.99 -9.05
CA ARG C 224 -51.50 6.72 -8.76
C ARG C 224 -52.04 7.63 -7.65
N PHE C 225 -51.21 7.91 -6.64
CA PHE C 225 -51.62 8.83 -5.59
C PHE C 225 -51.65 10.29 -6.05
N THR C 226 -50.58 10.73 -6.70
CA THR C 226 -50.45 12.15 -7.08
C THR C 226 -51.45 12.47 -8.22
N ASP C 227 -51.81 11.47 -9.03
CA ASP C 227 -52.74 11.67 -10.14
C ASP C 227 -54.09 12.13 -9.65
N ILE C 228 -54.45 11.77 -8.42
CA ILE C 228 -55.76 12.12 -7.91
C ILE C 228 -55.82 13.53 -7.31
N LEU C 229 -54.68 14.22 -7.21
CA LEU C 229 -54.65 15.59 -6.62
C LEU C 229 -54.71 16.70 -7.68
N GLY D 1 37.37 37.49 14.88
CA GLY D 1 36.88 38.90 14.92
C GLY D 1 35.45 39.08 14.41
N SER D 2 35.16 38.56 13.20
CA SER D 2 33.97 38.96 12.45
C SER D 2 33.51 37.97 11.38
N SER D 3 32.23 38.04 11.04
CA SER D 3 31.64 37.19 10.00
C SER D 3 30.60 38.00 9.23
N HIS D 4 30.03 37.40 8.19
CA HIS D 4 29.01 38.13 7.45
C HIS D 4 27.69 37.99 8.18
N HIS D 5 26.79 38.94 7.93
CA HIS D 5 25.52 39.04 8.61
C HIS D 5 24.51 38.26 7.79
N HIS D 6 23.68 37.50 8.48
CA HIS D 6 22.59 36.76 7.86
C HIS D 6 21.29 37.51 8.08
N HIS D 7 20.36 37.41 7.13
CA HIS D 7 19.05 38.04 7.29
C HIS D 7 18.22 37.35 8.38
N HIS D 8 18.15 36.01 8.29
CA HIS D 8 17.34 35.18 9.17
C HIS D 8 18.16 34.68 10.35
N HIS D 9 17.57 34.76 11.53
CA HIS D 9 18.25 34.39 12.74
C HIS D 9 17.36 33.38 13.41
N MET D 10 17.99 32.37 13.98
CA MET D 10 17.30 31.21 14.49
CA MET D 10 17.29 31.18 14.51
C MET D 10 16.13 31.55 15.44
N LEU D 11 16.38 32.43 16.42
CA LEU D 11 15.31 32.73 17.36
C LEU D 11 14.20 33.52 16.67
N ASP D 12 14.54 34.38 15.71
CA ASP D 12 13.53 35.09 14.93
C ASP D 12 12.73 34.10 14.09
N VAL D 13 13.43 33.17 13.47
CA VAL D 13 12.84 32.13 12.58
C VAL D 13 11.87 31.15 13.26
N VAL D 14 12.15 30.78 14.49
CA VAL D 14 11.30 29.84 15.24
C VAL D 14 10.09 30.50 15.95
N LYS D 15 10.11 31.83 16.13
CA LYS D 15 9.10 32.52 16.91
C LYS D 15 7.71 32.27 16.31
N GLY D 16 6.78 31.80 17.12
CA GLY D 16 5.43 31.50 16.65
C GLY D 16 5.31 30.24 15.80
N ASN D 17 6.44 29.57 15.53
CA ASN D 17 6.50 28.42 14.60
C ASN D 17 6.93 27.13 15.30
N LEU D 18 6.83 26.01 14.56
CA LEU D 18 7.10 24.69 15.09
C LEU D 18 8.57 24.24 14.88
N ILE D 19 9.18 23.71 15.92
CA ILE D 19 10.48 23.05 15.83
C ILE D 19 10.18 21.53 15.88
N VAL D 20 10.68 20.74 14.93
CA VAL D 20 10.47 19.28 14.98
C VAL D 20 11.76 18.59 15.41
N SER D 21 11.66 17.77 16.45
CA SER D 21 12.74 16.91 16.90
C SER D 21 12.66 15.53 16.18
N CYS D 22 13.75 15.24 15.49
CA CYS D 22 13.94 14.07 14.63
C CYS D 22 15.11 13.29 15.25
N GLN D 23 14.79 12.51 16.28
CA GLN D 23 15.77 11.70 17.01
CA GLN D 23 15.74 11.69 17.03
C GLN D 23 15.40 10.20 16.98
N ALA D 24 16.39 9.34 16.83
CA ALA D 24 16.13 7.91 17.04
C ALA D 24 17.44 7.37 17.57
N LEU D 25 17.46 7.09 18.86
CA LEU D 25 18.62 6.53 19.51
C LEU D 25 18.70 4.99 19.19
N SER D 26 19.79 4.33 19.59
CA SER D 26 20.20 3.00 19.08
C SER D 26 19.20 1.88 19.31
N ASP D 27 18.32 2.02 20.30
CA ASP D 27 17.28 1.04 20.58
C ASP D 27 15.97 1.29 19.84
N GLU D 28 15.95 2.30 18.96
CA GLU D 28 14.71 2.66 18.29
C GLU D 28 14.70 2.25 16.83
N PRO D 29 13.51 2.01 16.26
CA PRO D 29 13.36 1.52 14.87
C PRO D 29 13.97 2.34 13.77
N LEU D 30 13.89 3.66 13.89
CA LEU D 30 14.36 4.52 12.81
C LEU D 30 15.79 4.98 12.99
N HIS D 31 16.49 4.48 14.00
CA HIS D 31 17.93 4.74 14.18
C HIS D 31 18.71 4.59 12.87
N SER D 32 19.26 5.72 12.41
CA SER D 32 19.96 5.84 11.10
C SER D 32 20.03 7.34 10.78
N SER D 33 21.22 7.83 10.49
CA SER D 33 21.38 9.24 10.09
C SER D 33 20.63 9.51 8.76
N PHE D 34 20.65 8.53 7.86
CA PHE D 34 19.91 8.63 6.56
C PHE D 34 18.43 8.84 6.82
N ILE D 35 17.88 8.02 7.72
CA ILE D 35 16.48 8.09 8.03
C ILE D 35 16.13 9.39 8.73
N MET D 36 16.97 9.87 9.65
CA MET D 36 16.62 11.14 10.31
C MET D 36 16.62 12.29 9.31
N GLY D 37 17.52 12.24 8.34
CA GLY D 37 17.62 13.23 7.29
C GLY D 37 16.33 13.37 6.49
N ARG D 38 15.78 12.21 6.09
CA ARG D 38 14.51 12.09 5.35
C ARG D 38 13.31 12.56 6.20
N MET D 39 13.26 12.15 7.46
CA MET D 39 12.27 12.67 8.42
C MET D 39 12.32 14.20 8.51
N ALA D 40 13.52 14.78 8.53
CA ALA D 40 13.74 16.21 8.62
C ALA D 40 13.28 16.86 7.36
N ILE D 41 13.50 16.18 6.22
CA ILE D 41 13.00 16.71 4.95
C ILE D 41 11.46 16.73 5.03
N ALA D 42 10.85 15.60 5.40
CA ALA D 42 9.39 15.55 5.54
C ALA D 42 8.94 16.70 6.42
N ALA D 43 9.65 16.93 7.52
CA ALA D 43 9.22 17.88 8.55
C ALA D 43 9.30 19.31 8.00
N LYS D 44 10.37 19.57 7.28
CA LYS D 44 10.57 20.80 6.55
C LYS D 44 9.37 21.08 5.61
N GLN D 45 8.92 20.02 4.88
CA GLN D 45 7.98 20.16 3.77
C GLN D 45 6.60 20.29 4.35
N GLY D 46 6.50 19.91 5.62
CA GLY D 46 5.32 20.14 6.47
C GLY D 46 5.25 21.49 7.15
N GLY D 47 6.28 22.34 6.97
CA GLY D 47 6.30 23.70 7.55
C GLY D 47 7.13 23.91 8.81
N ALA D 48 7.89 22.90 9.24
CA ALA D 48 8.78 23.05 10.43
C ALA D 48 9.77 24.16 10.15
N ALA D 49 10.00 25.01 11.14
CA ALA D 49 10.91 26.13 10.94
C ALA D 49 12.33 25.75 11.39
N ALA D 50 12.47 24.78 12.28
CA ALA D 50 13.81 24.30 12.62
C ALA D 50 13.75 22.85 13.02
N ILE D 51 14.91 22.24 13.19
CA ILE D 51 15.00 20.82 13.59
C ILE D 51 15.87 20.65 14.84
N ARG D 52 15.43 19.83 15.79
CA ARG D 52 16.32 19.42 16.89
C ARG D 52 16.74 17.97 16.68
N ALA D 53 18.04 17.70 16.76
CA ALA D 53 18.65 16.41 16.38
C ALA D 53 19.74 16.04 17.39
N GLN D 54 19.93 14.74 17.54
CA GLN D 54 20.85 14.18 18.52
C GLN D 54 22.02 13.54 17.81
N GLY D 55 23.22 13.90 18.27
CA GLY D 55 24.43 13.35 17.73
C GLY D 55 24.96 13.98 16.45
N VAL D 56 26.28 13.92 16.32
CA VAL D 56 27.04 14.58 15.25
C VAL D 56 26.65 14.03 13.89
N ASN D 57 26.48 12.70 13.77
CA ASN D 57 26.07 12.10 12.51
C ASN D 57 24.70 12.54 12.03
N ASP D 58 23.68 12.44 12.88
CA ASP D 58 22.35 12.90 12.52
C ASP D 58 22.36 14.38 12.16
N ILE D 59 22.94 15.21 13.03
CA ILE D 59 23.05 16.65 12.80
C ILE D 59 23.64 16.99 11.43
N ASN D 60 24.75 16.34 11.08
CA ASN D 60 25.47 16.64 9.86
C ASN D 60 24.59 16.29 8.62
N GLU D 61 23.94 15.14 8.66
CA GLU D 61 23.10 14.70 7.56
C GLU D 61 21.89 15.63 7.41
N ILE D 62 21.26 15.96 8.54
CA ILE D 62 20.11 16.87 8.54
C ILE D 62 20.48 18.27 8.03
N LYS D 63 21.65 18.78 8.42
CA LYS D 63 22.04 20.08 7.92
C LYS D 63 22.18 19.94 6.39
N GLU D 64 22.95 18.95 5.94
CA GLU D 64 23.18 18.69 4.52
C GLU D 64 21.88 18.58 3.64
N VAL D 65 20.87 17.87 4.09
CA VAL D 65 19.75 17.60 3.19
C VAL D 65 18.59 18.55 3.36
N THR D 66 18.54 19.29 4.49
CA THR D 66 17.48 20.30 4.70
C THR D 66 17.99 21.77 4.75
N LYS D 67 19.25 22.00 5.08
CA LYS D 67 19.71 23.38 5.35
C LYS D 67 18.82 24.14 6.35
N LEU D 68 18.19 23.45 7.29
CA LEU D 68 17.33 24.14 8.27
C LEU D 68 18.16 24.51 9.51
N PRO D 69 17.70 25.51 10.30
CA PRO D 69 18.43 25.74 11.56
C PRO D 69 18.25 24.55 12.46
N ILE D 70 19.33 24.16 13.15
CA ILE D 70 19.36 23.00 14.00
C ILE D 70 19.70 23.33 15.48
N ILE D 71 18.91 22.77 16.40
CA ILE D 71 19.29 22.67 17.81
C ILE D 71 19.93 21.31 17.96
N GLY D 72 21.20 21.31 18.35
CA GLY D 72 21.96 20.08 18.51
C GLY D 72 22.21 19.75 19.96
N ILE D 73 22.09 18.46 20.27
CA ILE D 73 22.49 17.89 21.55
C ILE D 73 23.25 16.60 21.29
N ILE D 74 24.07 16.20 22.25
CA ILE D 74 24.48 14.81 22.38
C ILE D 74 23.86 14.26 23.67
N LYS D 75 23.24 13.09 23.57
CA LYS D 75 22.78 12.35 24.73
C LYS D 75 23.76 11.22 25.03
N ARG D 76 24.28 11.21 26.26
CA ARG D 76 25.35 10.29 26.65
C ARG D 76 25.34 10.16 28.17
N ASN D 77 25.26 8.91 28.64
CA ASN D 77 25.28 8.57 30.06
C ASN D 77 26.70 8.67 30.60
N TYR D 78 26.85 9.14 31.84
CA TYR D 78 28.11 9.06 32.59
C TYR D 78 27.82 8.35 33.91
N ASP D 79 28.76 7.56 34.45
CA ASP D 79 28.41 6.83 35.67
C ASP D 79 28.43 7.69 36.93
N ASP D 80 28.86 8.95 36.83
CA ASP D 80 28.89 9.87 37.99
C ASP D 80 27.87 11.02 37.92
N SER D 81 26.82 10.85 37.13
CA SER D 81 25.76 11.87 37.00
C SER D 81 24.48 11.26 36.44
N GLU D 82 23.34 11.85 36.77
CA GLU D 82 22.02 11.48 36.24
C GLU D 82 21.71 12.29 34.97
N ILE D 83 22.52 13.31 34.68
CA ILE D 83 22.33 14.16 33.54
C ILE D 83 22.82 13.47 32.25
N TYR D 84 22.03 13.51 31.18
CA TYR D 84 22.49 12.89 29.91
C TYR D 84 22.41 13.82 28.70
N ILE D 85 21.66 14.91 28.79
CA ILE D 85 21.56 15.84 27.68
C ILE D 85 22.74 16.81 27.63
N THR D 86 23.70 16.53 26.76
CA THR D 86 24.95 17.29 26.61
C THR D 86 25.65 17.59 27.95
N PRO D 87 26.09 16.53 28.66
CA PRO D 87 26.47 16.69 30.07
C PRO D 87 27.77 17.46 30.33
N THR D 88 28.74 17.41 29.41
CA THR D 88 30.07 17.95 29.69
C THR D 88 30.63 18.77 28.53
N MET D 89 31.84 19.31 28.71
CA MET D 89 32.53 20.06 27.66
C MET D 89 32.91 19.15 26.48
N LYS D 90 33.19 17.88 26.77
CA LYS D 90 33.36 16.91 25.68
C LYS D 90 32.24 16.97 24.62
N GLU D 91 30.99 16.92 25.07
CA GLU D 91 29.85 16.94 24.14
C GLU D 91 29.71 18.29 23.48
N VAL D 92 29.88 19.36 24.26
CA VAL D 92 29.84 20.73 23.70
C VAL D 92 30.83 20.83 22.54
N ASP D 93 32.07 20.41 22.77
CA ASP D 93 33.11 20.51 21.73
C ASP D 93 32.86 19.67 20.50
N GLU D 94 32.32 18.48 20.67
CA GLU D 94 31.90 17.67 19.55
C GLU D 94 30.80 18.38 18.74
N LEU D 95 29.81 18.93 19.43
CA LEU D 95 28.75 19.69 18.78
C LEU D 95 29.23 20.97 18.09
N LEU D 96 30.27 21.60 18.61
CA LEU D 96 30.78 22.80 17.96
C LEU D 96 31.55 22.42 16.68
N LYS D 97 31.98 21.16 16.53
CA LYS D 97 32.47 20.68 15.21
C LYS D 97 31.37 20.66 14.12
N THR D 98 30.10 20.60 14.50
CA THR D 98 29.01 20.66 13.51
C THR D 98 28.68 22.13 13.23
N ASP D 99 27.78 22.37 12.28
CA ASP D 99 27.36 23.75 12.02
C ASP D 99 26.10 24.20 12.76
N CYS D 100 25.67 23.43 13.75
CA CYS D 100 24.39 23.67 14.43
C CYS D 100 24.41 25.00 15.20
N GLU D 101 23.35 25.76 15.00
CA GLU D 101 23.32 27.19 15.33
C GLU D 101 22.98 27.35 16.79
N MET D 102 22.40 26.28 17.34
CA MET D 102 21.98 26.25 18.73
CA MET D 102 22.06 26.25 18.74
C MET D 102 22.33 24.89 19.33
N ILE D 103 22.77 24.90 20.59
CA ILE D 103 23.10 23.72 21.32
C ILE D 103 22.26 23.76 22.59
N ALA D 104 21.50 22.68 22.80
CA ALA D 104 20.74 22.48 24.02
C ALA D 104 21.53 21.59 24.96
N LEU D 105 21.45 21.93 26.24
CA LEU D 105 22.03 21.12 27.28
C LEU D 105 21.10 21.15 28.51
N ASP D 106 21.03 20.00 29.20
CA ASP D 106 20.51 19.89 30.57
C ASP D 106 21.04 21.06 31.40
N ALA D 107 20.11 21.85 31.92
CA ALA D 107 20.46 22.91 32.81
C ALA D 107 19.68 22.76 34.11
N THR D 108 19.49 21.50 34.54
CA THR D 108 18.96 21.21 35.84
C THR D 108 19.93 21.55 36.98
N LYS D 109 19.39 21.51 38.19
CA LYS D 109 20.12 21.84 39.41
C LYS D 109 21.19 20.81 39.80
N ARG D 110 21.22 19.70 39.09
CA ARG D 110 21.98 18.54 39.44
C ARG D 110 23.46 18.60 39.08
N LYS D 111 24.24 17.78 39.77
CA LYS D 111 25.66 17.62 39.52
C LYS D 111 25.95 16.90 38.20
N ARG D 112 26.93 17.43 37.49
CA ARG D 112 27.33 16.95 36.16
C ARG D 112 28.51 15.98 36.27
N PRO D 113 28.84 15.25 35.19
CA PRO D 113 30.03 14.42 35.31
C PRO D 113 31.25 15.26 35.63
N ASN D 114 32.20 14.68 36.37
CA ASN D 114 33.50 15.30 36.63
C ASN D 114 33.36 16.65 37.40
N GLY D 115 32.19 16.88 38.00
CA GLY D 115 31.94 18.13 38.71
C GLY D 115 31.98 19.38 37.84
N GLU D 116 31.78 19.24 36.54
CA GLU D 116 31.75 20.41 35.66
C GLU D 116 30.52 21.26 35.94
N ASN D 117 30.63 22.58 35.80
CA ASN D 117 29.46 23.42 35.96
C ASN D 117 28.90 23.89 34.61
N VAL D 118 27.59 24.05 34.57
CA VAL D 118 26.88 24.53 33.39
C VAL D 118 27.33 25.92 32.88
N LYS D 119 27.67 26.84 33.76
CA LYS D 119 28.10 28.17 33.30
C LYS D 119 29.28 28.12 32.32
N ASP D 120 30.26 27.25 32.62
CA ASP D 120 31.42 27.06 31.77
C ASP D 120 31.04 26.55 30.37
N LEU D 121 30.11 25.58 30.34
CA LEU D 121 29.65 25.04 29.08
C LEU D 121 28.96 26.11 28.25
N VAL D 122 28.12 26.92 28.89
CA VAL D 122 27.46 28.02 28.20
C VAL D 122 28.47 29.03 27.65
N ASP D 123 29.53 29.30 28.42
CA ASP D 123 30.53 30.27 28.01
C ASP D 123 31.34 29.78 26.81
N ALA D 124 31.59 28.48 26.76
CA ALA D 124 32.24 27.89 25.58
C ALA D 124 31.34 27.99 24.36
N ILE D 125 30.03 27.74 24.53
CA ILE D 125 29.08 27.86 23.41
C ILE D 125 29.06 29.28 22.90
N HIS D 126 28.92 30.25 23.78
CA HIS D 126 28.96 31.64 23.37
C HIS D 126 30.31 32.04 22.76
N ALA D 127 31.42 31.51 23.27
CA ALA D 127 32.74 31.87 22.74
C ALA D 127 32.92 31.62 21.23
N LYS D 128 32.20 30.64 20.69
CA LYS D 128 32.16 30.41 19.23
C LYS D 128 30.93 31.05 18.55
N GLY D 129 30.31 32.02 19.22
CA GLY D 129 29.14 32.73 18.66
C GLY D 129 27.87 31.91 18.39
N ARG D 130 27.71 30.77 19.07
CA ARG D 130 26.48 29.96 18.94
C ARG D 130 25.48 30.32 20.03
N LEU D 131 24.29 29.74 19.93
CA LEU D 131 23.22 29.97 20.90
C LEU D 131 23.11 28.78 21.84
N ALA D 132 22.65 29.07 23.06
CA ALA D 132 22.54 28.13 24.16
C ALA D 132 21.11 28.02 24.67
N MET D 133 20.56 26.81 24.57
CA MET D 133 19.25 26.48 25.06
C MET D 133 19.35 25.64 26.34
N ALA D 134 18.54 26.00 27.32
CA ALA D 134 18.57 25.36 28.62
C ALA D 134 17.35 24.46 28.69
N ASP D 135 17.59 23.16 28.78
CA ASP D 135 16.50 22.20 28.96
C ASP D 135 16.33 22.12 30.46
N ILE D 136 15.17 22.53 30.96
CA ILE D 136 14.92 22.54 32.39
C ILE D 136 13.72 21.69 32.82
N SER D 137 13.62 21.47 34.11
CA SER D 137 12.49 20.71 34.67
C SER D 137 11.59 21.48 35.62
N THR D 138 12.04 22.64 36.11
CA THR D 138 11.28 23.35 37.13
C THR D 138 11.44 24.84 36.89
N LEU D 139 10.55 25.60 37.52
CA LEU D 139 10.52 27.04 37.40
C LEU D 139 11.83 27.65 37.85
N GLU D 140 12.38 27.15 38.96
CA GLU D 140 13.60 27.73 39.53
C GLU D 140 14.79 27.45 38.66
N GLU D 141 14.82 26.26 38.05
CA GLU D 141 15.87 25.94 37.06
C GLU D 141 15.86 26.87 35.85
N GLY D 142 14.66 27.26 35.41
CA GLY D 142 14.51 28.21 34.33
C GLY D 142 14.99 29.60 34.76
N ILE D 143 14.66 30.02 35.98
CA ILE D 143 15.04 31.37 36.46
C ILE D 143 16.59 31.47 36.53
N GLU D 144 17.22 30.40 37.00
CA GLU D 144 18.66 30.31 37.13
C GLU D 144 19.29 30.28 35.76
N ALA D 145 18.72 29.49 34.84
CA ALA D 145 19.23 29.39 33.46
C ALA D 145 19.40 30.78 32.82
N GLU D 146 18.36 31.59 32.91
CA GLU D 146 18.41 32.98 32.45
C GLU D 146 19.53 33.79 33.11
N LYS D 147 19.74 33.55 34.39
CA LYS D 147 20.79 34.23 35.16
C LYS D 147 22.15 33.88 34.59
N LEU D 148 22.32 32.62 34.22
CA LEU D 148 23.60 32.18 33.63
C LEU D 148 23.82 32.68 32.17
N GLY D 149 22.83 33.37 31.60
CA GLY D 149 22.94 33.95 30.27
C GLY D 149 22.57 33.02 29.13
N PHE D 150 21.77 31.98 29.41
CA PHE D 150 21.27 31.14 28.34
C PHE D 150 20.45 32.07 27.45
N ASP D 151 20.41 31.78 26.17
CA ASP D 151 19.67 32.56 25.18
C ASP D 151 18.22 32.15 25.14
N CYS D 152 17.92 30.93 25.56
CA CYS D 152 16.55 30.51 25.72
C CYS D 152 16.45 29.35 26.69
N VAL D 153 15.20 29.04 27.08
CA VAL D 153 14.90 27.98 28.03
C VAL D 153 13.85 27.07 27.43
N SER D 154 13.93 25.77 27.71
CA SER D 154 12.96 24.77 27.20
C SER D 154 12.47 23.84 28.30
N THR D 155 11.21 23.44 28.23
CA THR D 155 10.60 22.68 29.34
C THR D 155 10.80 21.17 29.14
N THR D 156 11.82 20.85 28.35
CA THR D 156 12.16 19.50 27.89
C THR D 156 12.16 18.42 28.95
N LEU D 157 12.67 18.78 30.12
CA LEU D 157 12.89 17.85 31.21
C LEU D 157 11.85 17.86 32.34
N SER D 158 10.81 18.68 32.24
CA SER D 158 9.69 18.60 33.20
C SER D 158 9.10 17.18 33.11
N GLY D 159 9.06 16.51 34.25
CA GLY D 159 8.60 15.13 34.31
C GLY D 159 9.65 14.06 34.05
N TYR D 160 10.88 14.48 33.77
CA TYR D 160 12.00 13.58 33.52
C TYR D 160 13.12 13.80 34.54
N THR D 161 12.80 14.47 35.64
CA THR D 161 13.64 14.52 36.82
C THR D 161 12.67 14.18 37.95
N PRO D 162 13.17 13.61 39.07
CA PRO D 162 12.26 13.11 40.13
C PRO D 162 11.58 14.21 40.96
N TYR D 163 12.19 15.40 41.01
CA TYR D 163 11.66 16.50 41.80
C TYR D 163 10.77 17.44 40.98
N SER D 164 10.62 17.18 39.69
CA SER D 164 9.77 18.02 38.83
C SER D 164 8.40 17.36 38.79
N LYS D 165 7.43 18.03 38.15
CA LYS D 165 6.06 17.56 38.13
C LYS D 165 5.92 16.25 37.33
N GLN D 166 5.42 15.20 37.96
CA GLN D 166 5.23 13.91 37.25
C GLN D 166 3.96 13.93 36.42
N SER D 167 4.08 13.92 35.09
CA SER D 167 2.90 13.88 34.22
C SER D 167 3.11 13.06 32.96
N ASN D 168 2.03 12.67 32.32
CA ASN D 168 2.08 12.01 31.00
C ASN D 168 1.58 12.94 29.92
N SER D 169 1.52 14.23 30.23
CA SER D 169 0.95 15.16 29.28
C SER D 169 1.68 16.49 29.46
N VAL D 170 1.47 17.38 28.51
CA VAL D 170 2.22 18.64 28.48
C VAL D 170 2.16 19.38 29.80
N ASP D 171 3.31 19.87 30.24
CA ASP D 171 3.34 20.69 31.42
C ASP D 171 3.09 22.17 31.10
N PHE D 172 1.81 22.50 30.91
CA PHE D 172 1.35 23.88 30.71
C PHE D 172 1.59 24.81 31.88
N GLU D 173 1.39 24.27 33.10
CA GLU D 173 1.68 24.96 34.37
C GLU D 173 3.03 25.61 34.33
N LEU D 174 4.04 24.78 34.08
CA LEU D 174 5.42 25.25 34.09
C LEU D 174 5.62 26.33 33.01
N LEU D 175 5.09 26.07 31.82
CA LEU D 175 5.14 27.04 30.73
C LEU D 175 4.60 28.44 31.14
N GLU D 176 3.41 28.47 31.75
CA GLU D 176 2.77 29.74 32.14
C GLU D 176 3.63 30.43 33.18
N GLU D 177 4.10 29.67 34.16
CA GLU D 177 4.89 30.24 35.23
C GLU D 177 6.16 30.86 34.71
N LEU D 178 6.81 30.19 33.74
CA LEU D 178 8.06 30.69 33.17
C LEU D 178 7.87 31.94 32.32
N VAL D 179 6.88 31.90 31.41
CA VAL D 179 6.52 33.06 30.61
C VAL D 179 6.33 34.34 31.45
N LYS D 180 5.69 34.18 32.62
CA LYS D 180 5.46 35.26 33.60
C LYS D 180 6.69 35.81 34.34
N THR D 181 7.76 35.02 34.44
CA THR D 181 8.91 35.32 35.30
C THR D 181 10.24 35.55 34.55
N VAL D 182 10.48 34.87 33.42
CA VAL D 182 11.72 35.06 32.65
C VAL D 182 11.50 35.93 31.37
N LYS D 183 12.50 36.71 30.97
CA LYS D 183 12.39 37.61 29.79
C LYS D 183 12.88 36.99 28.47
N ILE D 184 13.74 35.99 28.57
CA ILE D 184 14.20 35.25 27.40
C ILE D 184 13.12 34.28 26.92
N PRO D 185 13.23 33.84 25.66
CA PRO D 185 12.31 32.91 25.03
C PRO D 185 12.10 31.61 25.82
N VAL D 186 10.84 31.28 26.04
CA VAL D 186 10.46 30.04 26.68
C VAL D 186 9.84 29.04 25.71
N ILE D 187 10.48 27.91 25.54
CA ILE D 187 10.03 26.97 24.51
C ILE D 187 9.42 25.77 25.12
N CYS D 188 8.21 25.45 24.69
CA CYS D 188 7.48 24.33 25.25
C CYS D 188 7.95 23.07 24.54
N GLU D 189 8.48 22.14 25.33
CA GLU D 189 9.01 20.89 24.79
C GLU D 189 8.73 19.76 25.76
N GLY D 190 8.09 18.72 25.28
CA GLY D 190 7.80 17.51 26.06
C GLY D 190 6.33 17.11 25.97
N ARG D 191 6.06 15.97 25.31
CA ARG D 191 4.76 15.34 25.31
C ARG D 191 3.62 16.09 24.56
N ILE D 192 3.97 17.05 23.70
CA ILE D 192 2.93 17.64 22.85
C ILE D 192 2.47 16.50 21.91
N ASN D 193 1.19 16.09 21.97
CA ASN D 193 0.66 15.04 21.09
C ASN D 193 -0.29 15.52 20.00
N THR D 194 -1.01 16.62 20.25
CA THR D 194 -2.00 17.11 19.29
C THR D 194 -1.72 18.58 18.85
N PRO D 195 -2.21 18.99 17.64
CA PRO D 195 -2.19 20.40 17.23
C PRO D 195 -2.91 21.29 18.27
N GLU D 196 -3.98 20.77 18.87
CA GLU D 196 -4.69 21.53 19.89
C GLU D 196 -3.76 21.88 21.07
N GLU D 197 -2.95 20.91 21.53
CA GLU D 197 -1.96 21.19 22.58
C GLU D 197 -0.91 22.19 22.13
N LEU D 198 -0.48 22.08 20.86
CA LEU D 198 0.48 23.00 20.29
C LEU D 198 -0.04 24.43 20.32
N LYS D 199 -1.23 24.65 19.76
CA LYS D 199 -1.88 25.96 19.81
C LYS D 199 -1.94 26.49 21.25
N LYS D 200 -2.43 25.66 22.17
CA LYS D 200 -2.50 26.03 23.59
C LYS D 200 -1.18 26.54 24.16
N ALA D 201 -0.09 25.81 23.89
CA ALA D 201 1.23 26.23 24.35
C ALA D 201 1.55 27.62 23.78
N LEU D 202 1.35 27.81 22.48
CA LEU D 202 1.66 29.11 21.87
CA LEU D 202 1.66 29.11 21.86
C LEU D 202 0.71 30.18 22.41
N ASP D 203 -0.54 29.80 22.63
CA ASP D 203 -1.51 30.71 23.22
C ASP D 203 -1.17 31.13 24.67
N LEU D 204 -0.45 30.28 25.40
CA LEU D 204 -0.03 30.57 26.79
C LEU D 204 1.27 31.36 26.91
N GLY D 205 1.88 31.69 25.78
CA GLY D 205 3.05 32.57 25.74
C GLY D 205 4.36 31.90 25.31
N ALA D 206 4.30 30.62 24.97
CA ALA D 206 5.48 29.95 24.43
C ALA D 206 5.98 30.76 23.24
N TYR D 207 7.28 31.02 23.21
CA TYR D 207 7.93 31.71 22.09
C TYR D 207 7.86 30.82 20.87
N SER D 208 8.11 29.54 21.09
CA SER D 208 7.95 28.54 20.04
C SER D 208 7.74 27.22 20.75
N ALA D 209 7.62 26.13 20.02
CA ALA D 209 7.43 24.82 20.65
C ALA D 209 8.15 23.73 19.89
N VAL D 210 8.51 22.66 20.58
CA VAL D 210 9.15 21.51 19.97
C VAL D 210 8.19 20.32 20.06
N VAL D 211 8.01 19.62 18.95
CA VAL D 211 7.31 18.31 18.93
C VAL D 211 8.25 17.29 18.32
N GLY D 212 8.46 16.21 19.06
CA GLY D 212 9.24 15.13 18.63
C GLY D 212 8.42 13.90 18.33
N GLY D 213 8.23 13.03 19.30
CA GLY D 213 7.68 11.69 19.09
C GLY D 213 6.38 11.60 18.31
N ALA D 214 5.51 12.58 18.51
CA ALA D 214 4.18 12.62 17.87
C ALA D 214 4.28 12.82 16.34
N ILE D 215 5.48 13.14 15.85
CA ILE D 215 5.73 13.25 14.43
C ILE D 215 6.72 12.21 13.91
N THR D 216 7.83 12.05 14.64
CA THR D 216 8.98 11.30 14.16
C THR D 216 9.21 9.96 14.90
N ARG D 217 8.40 9.59 15.89
CA ARG D 217 8.45 8.21 16.48
C ARG D 217 7.17 7.45 16.13
N PRO D 218 7.18 6.77 14.99
CA PRO D 218 6.01 6.04 14.55
C PRO D 218 5.55 5.00 15.56
N GLN D 219 6.47 4.40 16.31
CA GLN D 219 6.12 3.44 17.34
C GLN D 219 5.26 4.00 18.44
N GLN D 220 5.62 5.20 18.90
CA GLN D 220 4.88 5.91 19.93
C GLN D 220 3.54 6.40 19.33
N ILE D 221 3.50 6.82 18.08
CA ILE D 221 2.25 7.17 17.46
C ILE D 221 1.39 5.88 17.36
N THR D 222 1.92 4.78 16.82
CA THR D 222 1.13 3.56 16.73
C THR D 222 0.59 3.20 18.10
N LYS D 223 1.46 3.23 19.13
CA LYS D 223 1.01 2.87 20.46
C LYS D 223 -0.22 3.66 20.88
N ARG D 224 -0.19 5.01 20.78
CA ARG D 224 -1.35 5.82 21.12
CA ARG D 224 -1.35 5.86 21.06
C ARG D 224 -2.63 5.34 20.42
N PHE D 225 -2.55 4.90 19.16
CA PHE D 225 -3.75 4.34 18.46
C PHE D 225 -4.16 3.00 19.08
N THR D 226 -3.22 2.08 19.20
CA THR D 226 -3.56 0.71 19.70
C THR D 226 -4.03 0.72 21.17
N ASP D 227 -3.57 1.72 21.93
CA ASP D 227 -3.93 1.80 23.37
C ASP D 227 -5.45 2.00 23.53
N ILE D 228 -6.03 2.77 22.60
CA ILE D 228 -7.46 3.02 22.66
C ILE D 228 -8.34 1.81 22.34
N LEU D 229 -7.80 0.74 21.73
CA LEU D 229 -8.63 -0.44 21.32
C LEU D 229 -8.84 -1.47 22.43
#